data_8JFO
#
_entry.id   8JFO
#
_cell.length_a   88.194
_cell.length_b   88.194
_cell.length_c   145.649
_cell.angle_alpha   90.000
_cell.angle_beta   90.000
_cell.angle_gamma   90.000
#
_symmetry.space_group_name_H-M   'P 41'
#
loop_
_entity.id
_entity.type
_entity.pdbx_description
1 polymer AcrIIA15
2 water water
#
_entity_poly.entity_id   1
_entity_poly.type   'polypeptide(L)'
_entity_poly.pdbx_seq_one_letter_code
;SMRKTIERLLNSELSSNSIAVRTGVSQAVISKLRNGKKELGNLTLNSAEKLFEYQKEMEKVDTWIVYRGRTADMNKSYIA
EGSTYEEVYNNFVDKYGYDVLDEDIYEIQLLKKNGENLDDYDVDSDGINNYDKLDEFRESDYVDLEDYDYRELFENSSSQ
VYYHEFEITHE
;
_entity_poly.pdbx_strand_id   B,D,A,C
#
# COMPACT_ATOMS: atom_id res chain seq x y z
N SER A 1 -22.31 8.34 -18.34
CA SER A 1 -21.43 7.15 -18.33
C SER A 1 -19.97 7.57 -18.16
N MET A 2 -19.07 6.62 -18.01
CA MET A 2 -17.62 6.96 -17.94
C MET A 2 -16.92 6.28 -19.11
N ARG A 3 -16.17 7.05 -19.87
CA ARG A 3 -15.48 6.52 -21.07
C ARG A 3 -14.65 5.32 -20.68
N LYS A 4 -13.77 5.45 -19.69
CA LYS A 4 -12.80 4.38 -19.33
C LYS A 4 -13.50 3.01 -19.30
N THR A 5 -14.64 2.91 -18.63
CA THR A 5 -15.34 1.63 -18.49
C THR A 5 -15.83 1.13 -19.84
N ILE A 6 -16.41 2.01 -20.64
CA ILE A 6 -16.88 1.62 -21.97
C ILE A 6 -15.70 1.22 -22.85
N GLU A 7 -14.57 1.92 -22.72
CA GLU A 7 -13.39 1.57 -23.51
C GLU A 7 -12.89 0.17 -23.14
N ARG A 8 -13.01 -0.18 -21.86
CA ARG A 8 -12.64 -1.57 -21.46
C ARG A 8 -13.55 -2.54 -22.21
N LEU A 9 -14.86 -2.32 -22.17
CA LEU A 9 -15.83 -3.24 -22.83
C LEU A 9 -15.46 -3.40 -24.31
N LEU A 10 -15.28 -2.31 -25.04
CA LEU A 10 -15.02 -2.41 -26.49
C LEU A 10 -13.70 -3.13 -26.76
N ASN A 11 -12.64 -2.76 -26.04
CA ASN A 11 -11.30 -3.37 -26.24
C ASN A 11 -11.29 -4.84 -25.80
N SER A 12 -11.98 -5.18 -24.71
CA SER A 12 -11.95 -6.56 -24.17
C SER A 12 -12.66 -7.50 -25.14
N GLU A 13 -12.20 -8.75 -25.21
CA GLU A 13 -12.75 -9.74 -26.17
C GLU A 13 -14.20 -10.09 -25.86
N LEU A 14 -15.14 -9.65 -26.70
CA LEU A 14 -16.57 -10.00 -26.54
C LEU A 14 -17.21 -9.92 -27.93
N SER A 15 -18.39 -10.52 -28.11
CA SER A 15 -19.09 -10.41 -29.42
C SER A 15 -19.96 -9.15 -29.44
N SER A 16 -19.92 -8.39 -30.53
CA SER A 16 -20.77 -7.18 -30.65
C SER A 16 -22.24 -7.61 -30.57
N ASN A 17 -22.57 -8.77 -31.14
CA ASN A 17 -23.95 -9.28 -30.99
C ASN A 17 -24.19 -9.71 -29.55
N SER A 18 -23.16 -10.21 -28.83
CA SER A 18 -23.44 -10.60 -27.47
C SER A 18 -23.60 -9.35 -26.63
N ILE A 19 -22.77 -8.34 -26.90
CA ILE A 19 -22.95 -7.03 -26.30
C ILE A 19 -24.31 -6.45 -26.65
N ALA A 20 -24.71 -6.58 -27.91
CA ALA A 20 -26.02 -6.06 -28.34
C ALA A 20 -27.13 -6.73 -27.53
N VAL A 21 -27.14 -8.07 -27.44
CA VAL A 21 -28.28 -8.74 -26.73
C VAL A 21 -28.24 -8.36 -25.25
N ARG A 22 -27.05 -8.34 -24.64
CA ARG A 22 -26.90 -7.99 -23.20
C ARG A 22 -27.25 -6.52 -22.92
N THR A 23 -26.87 -5.61 -23.82
CA THR A 23 -27.05 -4.16 -23.54
C THR A 23 -28.23 -3.56 -24.30
N GLY A 24 -28.59 -4.10 -25.46
CA GLY A 24 -29.67 -3.50 -26.27
C GLY A 24 -29.13 -2.50 -27.27
N VAL A 25 -27.83 -2.20 -27.20
CA VAL A 25 -27.21 -1.20 -28.10
C VAL A 25 -27.04 -1.82 -29.49
N SER A 26 -27.32 -1.06 -30.54
CA SER A 26 -27.28 -1.60 -31.92
C SER A 26 -25.87 -2.10 -32.27
N GLN A 27 -25.81 -3.26 -32.93
CA GLN A 27 -24.51 -3.88 -33.30
C GLN A 27 -23.74 -2.93 -34.22
N ALA A 28 -24.46 -2.23 -35.10
CA ALA A 28 -23.82 -1.26 -36.00
C ALA A 28 -23.01 -0.26 -35.18
N VAL A 29 -23.57 0.25 -34.07
CA VAL A 29 -22.86 1.25 -33.27
C VAL A 29 -21.62 0.65 -32.60
N ILE A 30 -21.76 -0.55 -32.05
CA ILE A 30 -20.60 -1.18 -31.35
C ILE A 30 -19.47 -1.35 -32.38
N SER A 31 -19.82 -1.84 -33.58
CA SER A 31 -18.79 -2.07 -34.62
C SER A 31 -18.13 -0.76 -35.05
N LYS A 32 -18.93 0.29 -35.22
CA LYS A 32 -18.40 1.60 -35.66
C LYS A 32 -17.46 2.17 -34.59
N LEU A 33 -17.79 1.97 -33.32
CA LEU A 33 -16.89 2.43 -32.23
C LEU A 33 -15.55 1.67 -32.35
N ARG A 34 -15.62 0.36 -32.54
CA ARG A 34 -14.38 -0.47 -32.62
C ARG A 34 -13.56 -0.11 -33.86
N ASN A 35 -14.20 0.12 -35.01
CA ASN A 35 -13.44 0.36 -36.27
C ASN A 35 -13.09 1.85 -36.42
N GLY A 36 -13.55 2.70 -35.50
CA GLY A 36 -13.17 4.13 -35.55
C GLY A 36 -14.09 4.95 -36.44
N LYS A 37 -15.17 4.35 -36.94
CA LYS A 37 -16.15 5.11 -37.75
C LYS A 37 -16.92 6.05 -36.82
N LYS A 38 -17.25 5.58 -35.62
CA LYS A 38 -17.94 6.43 -34.65
C LYS A 38 -17.04 6.67 -33.45
N GLU A 39 -16.83 7.94 -33.11
CA GLU A 39 -16.10 8.27 -31.90
C GLU A 39 -17.00 8.11 -30.68
N LEU A 40 -16.41 7.71 -29.55
CA LEU A 40 -17.19 7.45 -28.30
C LEU A 40 -17.93 8.71 -27.86
N GLY A 41 -17.36 9.89 -28.12
CA GLY A 41 -17.99 11.17 -27.75
C GLY A 41 -19.31 11.39 -28.46
N ASN A 42 -19.42 10.95 -29.71
CA ASN A 42 -20.65 11.11 -30.52
C ASN A 42 -21.74 10.12 -30.08
N LEU A 43 -21.38 9.10 -29.29
CA LEU A 43 -22.39 8.15 -28.77
C LEU A 43 -23.37 8.92 -27.89
N THR A 44 -24.65 8.61 -28.00
CA THR A 44 -25.68 9.33 -27.20
C THR A 44 -25.52 8.92 -25.73
N LEU A 45 -25.98 9.78 -24.83
CA LEU A 45 -25.92 9.44 -23.42
C LEU A 45 -26.70 8.17 -23.13
N ASN A 46 -27.83 7.96 -23.80
CA ASN A 46 -28.59 6.73 -23.58
C ASN A 46 -27.74 5.48 -23.83
N SER A 47 -27.11 5.41 -25.00
CA SER A 47 -26.36 4.21 -25.35
C SER A 47 -25.09 4.06 -24.53
N ALA A 48 -24.42 5.18 -24.27
CA ALA A 48 -23.21 5.15 -23.41
C ALA A 48 -23.57 4.58 -22.03
N GLU A 49 -24.70 5.01 -21.47
CA GLU A 49 -25.13 4.51 -20.14
C GLU A 49 -25.40 3.00 -20.21
N LYS A 50 -26.07 2.54 -21.26
CA LYS A 50 -26.43 1.10 -21.34
C LYS A 50 -25.14 0.27 -21.39
N LEU A 51 -24.13 0.75 -22.12
CA LEU A 51 -22.85 0.02 -22.21
C LEU A 51 -22.12 0.08 -20.87
N PHE A 52 -22.07 1.26 -20.25
CA PHE A 52 -21.35 1.46 -18.97
C PHE A 52 -21.99 0.63 -17.86
N GLU A 53 -23.31 0.69 -17.75
CA GLU A 53 -24.01 -0.01 -16.65
C GLU A 53 -23.77 -1.51 -16.77
N TYR A 54 -23.75 -2.03 -17.99
CA TYR A 54 -23.44 -3.46 -18.18
C TYR A 54 -22.03 -3.77 -17.68
N GLN A 55 -21.03 -3.07 -18.18
CA GLN A 55 -19.63 -3.38 -17.78
C GLN A 55 -19.52 -3.23 -16.25
N LYS A 56 -20.21 -2.25 -15.69
CA LYS A 56 -20.08 -2.01 -14.23
C LYS A 56 -20.58 -3.24 -13.49
N GLU A 57 -21.71 -3.81 -13.91
CA GLU A 57 -22.29 -4.97 -13.18
C GLU A 57 -21.36 -6.18 -13.38
N MET A 58 -20.71 -6.26 -14.52
CA MET A 58 -19.78 -7.38 -14.80
C MET A 58 -18.44 -7.16 -14.08
N GLU A 59 -18.21 -5.96 -13.52
CA GLU A 59 -16.98 -5.73 -12.73
C GLU A 59 -17.30 -5.49 -11.25
N LYS A 60 -18.58 -5.51 -10.85
CA LYS A 60 -18.95 -5.15 -9.45
C LYS A 60 -18.31 -6.13 -8.45
N VAL A 61 -18.31 -7.42 -8.76
CA VAL A 61 -17.75 -8.46 -7.83
C VAL A 61 -16.25 -8.23 -7.65
N ASP A 62 -15.54 -7.83 -8.71
CA ASP A 62 -14.06 -7.69 -8.64
C ASP A 62 -13.60 -6.26 -8.34
N THR A 63 -14.50 -5.33 -8.04
CA THR A 63 -14.10 -3.94 -7.86
C THR A 63 -13.74 -3.67 -6.41
N TRP A 64 -12.51 -3.25 -6.18
CA TRP A 64 -12.02 -2.89 -4.85
C TRP A 64 -11.21 -1.61 -4.92
N ILE A 65 -11.33 -0.79 -3.87
CA ILE A 65 -10.68 0.51 -3.76
C ILE A 65 -9.87 0.52 -2.46
N VAL A 66 -8.61 0.91 -2.56
CA VAL A 66 -7.75 1.07 -1.36
C VAL A 66 -7.34 2.54 -1.27
N TYR A 67 -7.60 3.17 -0.12
CA TYR A 67 -7.25 4.60 0.09
C TYR A 67 -6.07 4.69 1.05
N ARG A 68 -5.06 5.50 0.69
CA ARG A 68 -3.94 5.74 1.62
C ARG A 68 -3.85 7.24 1.90
N GLY A 69 -3.80 7.63 3.17
CA GLY A 69 -3.75 9.05 3.55
C GLY A 69 -2.47 9.40 4.27
N ARG A 70 -1.78 10.44 3.80
CA ARG A 70 -0.48 10.83 4.38
C ARG A 70 -0.68 11.99 5.37
N THR A 71 0.08 11.98 6.46
CA THR A 71 -0.01 13.06 7.47
C THR A 71 1.40 13.62 7.70
N ALA A 72 1.52 14.62 8.55
CA ALA A 72 2.83 15.21 8.89
C ALA A 72 3.70 14.15 9.56
N ASP A 73 3.10 13.30 10.39
CA ASP A 73 3.89 12.18 10.99
C ASP A 73 4.03 11.09 9.93
N MET A 74 5.26 10.83 9.49
CA MET A 74 5.52 9.80 8.44
C MET A 74 5.09 8.45 8.98
N ASN A 75 5.30 8.22 10.28
CA ASN A 75 4.90 6.95 10.93
C ASN A 75 3.37 6.79 10.87
N LYS A 76 2.61 7.87 11.06
CA LYS A 76 1.13 7.76 11.11
C LYS A 76 0.53 7.90 9.71
N SER A 77 -0.09 6.84 9.20
CA SER A 77 -0.76 6.92 7.87
C SER A 77 -2.12 6.24 7.98
N TYR A 78 -3.07 6.63 7.12
CA TYR A 78 -4.44 6.09 7.22
C TYR A 78 -4.74 5.17 6.04
N ILE A 79 -5.44 4.07 6.29
CA ILE A 79 -5.82 3.14 5.22
C ILE A 79 -7.32 2.87 5.35
N ALA A 80 -8.02 2.91 4.22
CA ALA A 80 -9.43 2.58 4.19
C ALA A 80 -9.72 1.81 2.90
N GLU A 81 -10.73 0.93 2.92
CA GLU A 81 -10.98 0.12 1.72
C GLU A 81 -12.47 -0.13 1.54
N GLY A 82 -12.85 -0.43 0.31
CA GLY A 82 -14.24 -0.72 0.01
C GLY A 82 -14.46 -0.87 -1.47
N SER A 83 -15.65 -1.38 -1.82
CA SER A 83 -16.01 -1.54 -3.24
C SER A 83 -16.50 -0.25 -3.88
N THR A 84 -16.92 0.72 -3.07
CA THR A 84 -17.32 2.03 -3.53
C THR A 84 -16.61 3.08 -2.69
N TYR A 85 -16.61 4.33 -3.19
CA TYR A 85 -16.01 5.40 -2.39
C TYR A 85 -16.76 5.60 -1.10
N GLU A 86 -18.08 5.41 -1.12
CA GLU A 86 -18.85 5.50 0.12
C GLU A 86 -18.42 4.43 1.11
N GLU A 87 -18.18 3.21 0.61
CA GLU A 87 -17.71 2.15 1.49
C GLU A 87 -16.33 2.46 2.05
N VAL A 88 -15.47 3.05 1.22
CA VAL A 88 -14.16 3.47 1.70
C VAL A 88 -14.31 4.47 2.84
N TYR A 89 -15.22 5.44 2.69
CA TYR A 89 -15.48 6.45 3.75
C TYR A 89 -15.98 5.78 5.03
N ASN A 90 -16.92 4.85 4.90
CA ASN A 90 -17.50 4.15 6.08
C ASN A 90 -16.40 3.35 6.78
N ASN A 91 -15.51 2.70 6.03
CA ASN A 91 -14.37 1.96 6.63
C ASN A 91 -13.45 2.96 7.31
N PHE A 92 -13.22 4.12 6.69
CA PHE A 92 -12.36 5.13 7.30
C PHE A 92 -12.94 5.61 8.62
N VAL A 93 -14.23 5.90 8.67
CA VAL A 93 -14.85 6.44 9.92
C VAL A 93 -14.95 5.34 11.00
N ASP A 94 -15.19 4.09 10.61
CA ASP A 94 -15.23 2.95 11.56
C ASP A 94 -13.84 2.76 12.20
N LYS A 95 -12.79 2.91 11.42
CA LYS A 95 -11.42 2.64 11.92
C LYS A 95 -10.84 3.85 12.61
N TYR A 96 -11.09 5.05 12.11
CA TYR A 96 -10.42 6.21 12.66
C TYR A 96 -11.34 7.27 13.25
N GLY A 97 -12.64 7.19 12.98
CA GLY A 97 -13.57 8.16 13.60
C GLY A 97 -13.87 9.35 12.71
N TYR A 98 -14.61 10.33 13.23
CA TYR A 98 -15.08 11.47 12.40
C TYR A 98 -14.28 12.74 12.64
N ASP A 99 -13.18 12.68 13.39
CA ASP A 99 -12.45 13.93 13.76
C ASP A 99 -11.09 14.01 13.05
N VAL A 100 -10.87 13.20 12.01
CA VAL A 100 -9.57 13.20 11.28
C VAL A 100 -9.69 14.03 10.00
N LEU A 101 -10.77 13.86 9.24
CA LEU A 101 -10.96 14.67 8.04
C LEU A 101 -11.30 16.11 8.44
N ASP A 102 -11.23 17.02 7.48
CA ASP A 102 -11.45 18.45 7.76
C ASP A 102 -12.80 18.67 8.42
N GLU A 103 -12.85 19.67 9.31
CA GLU A 103 -14.06 19.92 10.11
C GLU A 103 -15.28 20.08 9.22
N ASP A 104 -16.30 19.26 9.51
CA ASP A 104 -17.62 19.32 8.87
C ASP A 104 -17.55 19.16 7.36
N ILE A 105 -16.52 18.47 6.85
CA ILE A 105 -16.35 18.37 5.40
C ILE A 105 -17.56 17.72 4.74
N TYR A 106 -18.14 16.68 5.38
CA TYR A 106 -19.30 16.01 4.81
C TYR A 106 -20.45 16.98 4.63
N GLU A 107 -20.77 17.73 5.69
CA GLU A 107 -21.89 18.65 5.63
C GLU A 107 -21.64 19.80 4.66
N ILE A 108 -20.41 20.33 4.63
CA ILE A 108 -20.06 21.41 3.71
C ILE A 108 -20.21 20.96 2.28
N GLN A 109 -19.74 19.74 1.98
CA GLN A 109 -19.90 19.18 0.64
C GLN A 109 -21.38 19.01 0.29
N LEU A 110 -22.18 18.53 1.25
CA LEU A 110 -23.61 18.40 1.02
C LEU A 110 -24.26 19.75 0.73
N LEU A 111 -23.90 20.77 1.50
CA LEU A 111 -24.45 22.10 1.29
C LEU A 111 -24.11 22.61 -0.09
N LYS A 112 -22.84 22.45 -0.48
CA LYS A 112 -22.38 22.89 -1.80
C LYS A 112 -23.09 22.13 -2.91
N LYS A 113 -23.31 20.82 -2.74
CA LYS A 113 -23.99 20.03 -3.76
C LYS A 113 -25.42 20.49 -3.95
N ASN A 114 -26.01 21.08 -2.90
CA ASN A 114 -27.42 21.52 -2.95
C ASN A 114 -27.52 23.02 -3.27
N GLY A 115 -26.43 23.68 -3.63
CA GLY A 115 -26.48 25.10 -4.06
C GLY A 115 -26.60 26.09 -2.91
N GLU A 116 -26.39 25.64 -1.69
CA GLU A 116 -26.50 26.52 -0.50
C GLU A 116 -25.33 27.51 -0.44
N ASN A 117 -25.56 28.69 0.13
CA ASN A 117 -24.49 29.69 0.30
C ASN A 117 -23.88 29.48 1.68
N LEU A 118 -22.57 29.24 1.73
CA LEU A 118 -21.90 28.92 3.02
C LEU A 118 -21.90 30.14 3.95
N ASP A 119 -22.04 31.34 3.38
CA ASP A 119 -22.07 32.58 4.21
C ASP A 119 -23.18 32.43 5.26
N ASP A 120 -24.32 31.87 4.87
CA ASP A 120 -25.43 31.71 5.79
C ASP A 120 -25.12 30.73 6.92
N TYR A 121 -24.15 29.85 6.72
CA TYR A 121 -23.84 28.84 7.71
C TYR A 121 -22.62 29.19 8.55
N ASP A 122 -22.07 30.39 8.39
CA ASP A 122 -20.94 30.88 9.18
C ASP A 122 -19.77 29.88 9.15
N VAL A 123 -19.39 29.48 7.95
CA VAL A 123 -18.29 28.53 7.80
C VAL A 123 -16.95 29.23 8.01
N ASP A 124 -16.06 28.59 8.77
CA ASP A 124 -14.69 29.05 8.92
C ASP A 124 -13.81 27.81 9.14
N SER A 125 -12.55 28.01 9.53
CA SER A 125 -11.67 26.88 9.77
C SER A 125 -12.23 25.90 10.80
N ASP A 126 -13.04 26.38 11.74
CA ASP A 126 -13.66 25.48 12.73
C ASP A 126 -14.81 24.66 12.15
N GLY A 127 -15.26 24.96 10.94
CA GLY A 127 -16.34 24.20 10.34
C GLY A 127 -17.57 25.06 10.21
N ILE A 128 -18.74 24.44 10.23
CA ILE A 128 -20.01 25.16 10.25
C ILE A 128 -20.27 25.66 11.67
N ASN A 129 -20.57 26.95 11.81
CA ASN A 129 -20.88 27.51 13.11
C ASN A 129 -22.35 27.79 13.36
N ASN A 130 -23.14 28.03 12.30
CA ASN A 130 -24.58 28.27 12.45
C ASN A 130 -25.33 26.94 12.41
N TYR A 131 -25.42 26.31 13.59
CA TYR A 131 -26.04 25.00 13.68
C TYR A 131 -27.54 25.05 13.43
N ASP A 132 -28.19 26.19 13.74
CA ASP A 132 -29.64 26.29 13.54
C ASP A 132 -30.00 26.14 12.06
N LYS A 133 -29.30 26.86 11.19
CA LYS A 133 -29.58 26.74 9.76
C LYS A 133 -29.22 25.35 9.25
N LEU A 134 -28.17 24.74 9.81
CA LEU A 134 -27.86 23.37 9.41
C LEU A 134 -28.99 22.42 9.79
N ASP A 135 -29.61 22.67 10.95
CA ASP A 135 -30.76 21.84 11.39
C ASP A 135 -31.92 22.03 10.41
N GLU A 136 -32.15 23.27 9.96
CA GLU A 136 -33.21 23.53 8.96
C GLU A 136 -32.90 22.74 7.68
N PHE A 137 -31.65 22.78 7.22
CA PHE A 137 -31.27 22.08 5.96
C PHE A 137 -31.49 20.58 6.13
N ARG A 138 -31.13 20.05 7.30
CA ARG A 138 -31.27 18.60 7.54
C ARG A 138 -32.75 18.23 7.46
N GLU A 139 -33.62 19.09 7.97
CA GLU A 139 -35.09 18.81 7.96
C GLU A 139 -35.69 19.21 6.61
N SER A 140 -34.91 19.88 5.75
CA SER A 140 -35.40 20.22 4.41
C SER A 140 -35.36 19.01 3.50
N ASP A 141 -35.85 19.20 2.27
CA ASP A 141 -35.72 18.19 1.21
C ASP A 141 -34.48 18.51 0.41
N TYR A 142 -33.48 17.63 0.47
CA TYR A 142 -32.20 17.89 -0.14
C TYR A 142 -31.73 16.65 -0.88
N VAL A 143 -30.80 16.87 -1.81
CA VAL A 143 -30.15 15.78 -2.55
C VAL A 143 -29.02 15.21 -1.71
N ASP A 144 -28.95 13.88 -1.65
CA ASP A 144 -27.87 13.20 -0.96
C ASP A 144 -26.60 13.20 -1.81
N LEU A 145 -25.46 13.00 -1.13
CA LEU A 145 -24.19 12.88 -1.83
C LEU A 145 -24.19 11.63 -2.71
N GLU A 146 -23.62 11.76 -3.91
CA GLU A 146 -23.40 10.62 -4.79
C GLU A 146 -22.04 10.00 -4.48
N ASP A 147 -21.68 8.92 -5.17
CA ASP A 147 -20.48 8.19 -4.80
C ASP A 147 -19.20 9.00 -4.99
N TYR A 148 -19.10 9.76 -6.09
CA TYR A 148 -17.87 10.53 -6.32
C TYR A 148 -17.65 11.56 -5.22
N ASP A 149 -18.73 12.00 -4.58
CA ASP A 149 -18.60 12.95 -3.50
C ASP A 149 -17.79 12.41 -2.33
N TYR A 150 -17.83 11.09 -2.09
CA TYR A 150 -17.04 10.52 -0.98
C TYR A 150 -15.54 10.56 -1.26
N ARG A 151 -15.16 10.38 -2.53
CA ARG A 151 -13.73 10.55 -2.87
C ARG A 151 -13.35 12.01 -2.58
N GLU A 152 -14.24 12.94 -2.91
CA GLU A 152 -13.99 14.40 -2.71
C GLU A 152 -13.83 14.75 -1.23
N LEU A 153 -14.55 14.07 -0.33
CA LEU A 153 -14.43 14.36 1.12
C LEU A 153 -12.97 14.15 1.52
N PHE A 154 -12.33 13.08 1.05
CA PHE A 154 -10.88 12.91 1.29
C PHE A 154 -10.06 13.93 0.48
N GLU A 155 -10.36 14.12 -0.80
CA GLU A 155 -9.52 14.97 -1.69
C GLU A 155 -9.48 16.42 -1.20
N ASN A 156 -10.61 16.96 -0.75
CA ASN A 156 -10.65 18.33 -0.29
C ASN A 156 -10.09 18.51 1.11
N SER A 157 -9.82 17.44 1.85
CA SER A 157 -9.29 17.59 3.19
C SER A 157 -7.79 17.88 3.12
N SER A 158 -7.36 18.84 3.92
CA SER A 158 -5.97 19.22 3.95
C SER A 158 -5.45 19.48 5.35
N SER A 159 -6.28 19.47 6.37
CA SER A 159 -5.81 19.85 7.73
C SER A 159 -4.86 18.81 8.33
N GLN A 160 -5.32 17.58 8.55
CA GLN A 160 -4.49 16.50 9.14
C GLN A 160 -3.99 15.58 8.03
N VAL A 161 -4.88 15.15 7.16
CA VAL A 161 -4.49 14.33 6.01
C VAL A 161 -4.43 15.23 4.80
N TYR A 162 -3.23 15.37 4.21
CA TYR A 162 -3.05 16.34 3.10
C TYR A 162 -2.67 15.65 1.77
N TYR A 163 -2.27 14.38 1.80
CA TYR A 163 -2.02 13.64 0.53
C TYR A 163 -2.95 12.42 0.46
N HIS A 164 -3.66 12.27 -0.64
CA HIS A 164 -4.66 11.18 -0.75
C HIS A 164 -4.36 10.31 -1.97
N GLU A 165 -4.29 9.00 -1.78
CA GLU A 165 -4.03 8.06 -2.91
C GLU A 165 -5.17 7.05 -3.01
N PHE A 166 -5.72 6.87 -4.21
CA PHE A 166 -6.79 5.88 -4.43
C PHE A 166 -6.32 4.80 -5.41
N GLU A 167 -6.28 3.54 -4.98
CA GLU A 167 -5.92 2.42 -5.89
C GLU A 167 -7.21 1.71 -6.27
N ILE A 168 -7.55 1.68 -7.56
CA ILE A 168 -8.86 1.11 -7.97
C ILE A 168 -8.62 -0.06 -8.93
N THR A 169 -9.27 -1.20 -8.69
CA THR A 169 -9.11 -2.40 -9.55
C THR A 169 -9.63 -2.13 -10.96
N HIS A 170 -10.74 -1.40 -11.08
CA HIS A 170 -11.33 -1.07 -12.40
C HIS A 170 -11.61 -2.37 -13.15
N GLU A 171 -12.05 -3.40 -12.43
CA GLU A 171 -12.30 -4.72 -13.06
C GLU A 171 -13.23 -5.50 -12.14
N SER B 1 -21.35 11.15 -18.10
CA SER B 1 -21.74 12.31 -17.26
C SER B 1 -23.12 12.07 -16.66
N MET B 2 -23.24 11.99 -15.33
CA MET B 2 -24.53 11.62 -14.69
C MET B 2 -25.63 12.63 -14.99
N ARG B 3 -26.84 12.15 -15.26
CA ARG B 3 -27.99 13.02 -15.61
C ARG B 3 -28.40 13.93 -14.45
N LYS B 4 -28.38 13.42 -13.22
CA LYS B 4 -28.86 14.22 -12.05
C LYS B 4 -28.07 15.52 -11.90
N THR B 5 -26.76 15.47 -12.15
CA THR B 5 -25.95 16.68 -12.08
C THR B 5 -26.28 17.62 -13.23
N ILE B 6 -26.43 17.07 -14.44
CA ILE B 6 -26.80 17.91 -15.62
C ILE B 6 -28.18 18.54 -15.37
N GLU B 7 -29.10 17.78 -14.77
CA GLU B 7 -30.44 18.31 -14.46
C GLU B 7 -30.33 19.48 -13.47
N ARG B 8 -29.46 19.36 -12.47
CA ARG B 8 -29.25 20.47 -11.51
C ARG B 8 -28.74 21.70 -12.26
N LEU B 9 -27.84 21.51 -13.23
CA LEU B 9 -27.40 22.65 -14.04
C LEU B 9 -28.55 23.24 -14.86
N LEU B 10 -29.36 22.39 -15.49
CA LEU B 10 -30.43 22.86 -16.38
C LEU B 10 -31.57 23.52 -15.62
N ASN B 11 -31.85 23.04 -14.40
CA ASN B 11 -32.87 23.63 -13.53
C ASN B 11 -32.34 24.79 -12.71
N SER B 12 -31.17 25.28 -13.05
CA SER B 12 -30.57 26.38 -12.29
C SER B 12 -31.01 27.69 -12.93
N GLU B 13 -30.83 28.77 -12.18
CA GLU B 13 -31.26 30.09 -12.60
C GLU B 13 -30.34 30.70 -13.64
N LEU B 14 -29.30 29.98 -14.04
CA LEU B 14 -28.36 30.49 -15.06
C LEU B 14 -29.09 30.63 -16.40
N SER B 15 -28.70 31.62 -17.20
CA SER B 15 -29.31 31.82 -18.54
C SER B 15 -28.83 30.70 -19.48
N SER B 16 -29.64 30.36 -20.47
CA SER B 16 -29.24 29.32 -21.45
C SER B 16 -27.99 29.78 -22.20
N ASN B 17 -27.92 31.08 -22.54
CA ASN B 17 -26.73 31.65 -23.21
C ASN B 17 -25.50 31.58 -22.28
N SER B 18 -25.69 31.89 -21.00
CA SER B 18 -24.57 31.86 -20.03
C SER B 18 -24.02 30.44 -19.91
N ILE B 19 -24.91 29.45 -19.85
CA ILE B 19 -24.45 28.04 -19.84
C ILE B 19 -23.71 27.77 -21.15
N ALA B 20 -24.24 28.25 -22.27
CA ALA B 20 -23.61 27.98 -23.56
C ALA B 20 -22.21 28.54 -23.62
N VAL B 21 -22.04 29.78 -23.18
CA VAL B 21 -20.72 30.42 -23.25
C VAL B 21 -19.74 29.71 -22.34
N ARG B 22 -20.18 29.36 -21.14
CA ARG B 22 -19.26 28.79 -20.15
C ARG B 22 -18.90 27.34 -20.46
N THR B 23 -19.77 26.60 -21.12
CA THR B 23 -19.52 25.18 -21.34
C THR B 23 -19.04 24.84 -22.74
N GLY B 24 -19.39 25.66 -23.73
CA GLY B 24 -19.04 25.35 -25.13
C GLY B 24 -20.15 24.58 -25.83
N VAL B 25 -21.24 24.29 -25.13
CA VAL B 25 -22.41 23.61 -25.77
C VAL B 25 -23.32 24.70 -26.34
N SER B 26 -23.93 24.47 -27.50
CA SER B 26 -24.75 25.51 -28.17
C SER B 26 -25.97 25.91 -27.32
N GLN B 27 -26.37 27.18 -27.39
CA GLN B 27 -27.58 27.65 -26.68
C GLN B 27 -28.79 26.88 -27.22
N ALA B 28 -28.79 26.63 -28.53
CA ALA B 28 -29.89 25.87 -29.17
C ALA B 28 -30.09 24.54 -28.46
N VAL B 29 -29.00 23.82 -28.21
CA VAL B 29 -29.10 22.51 -27.51
C VAL B 29 -29.65 22.75 -26.10
N ILE B 30 -29.12 23.75 -25.38
CA ILE B 30 -29.53 23.99 -23.98
C ILE B 30 -31.03 24.33 -23.95
N SER B 31 -31.46 25.19 -24.88
CA SER B 31 -32.87 25.56 -24.94
C SER B 31 -33.76 24.36 -25.21
N LYS B 32 -33.37 23.52 -26.16
CA LYS B 32 -34.18 22.33 -26.42
C LYS B 32 -34.17 21.37 -25.24
N LEU B 33 -33.05 21.28 -24.53
CA LEU B 33 -33.03 20.48 -23.31
C LEU B 33 -34.00 21.04 -22.27
N ARG B 34 -34.04 22.35 -22.13
CA ARG B 34 -34.89 22.99 -21.08
C ARG B 34 -36.37 22.95 -21.45
N ASN B 35 -36.75 23.03 -22.73
CA ASN B 35 -38.18 23.03 -23.02
C ASN B 35 -38.74 21.63 -23.30
N GLY B 36 -37.89 20.60 -23.35
CA GLY B 36 -38.34 19.25 -23.60
C GLY B 36 -38.31 18.79 -25.04
N LYS B 37 -37.97 19.68 -25.97
CA LYS B 37 -37.88 19.30 -27.40
C LYS B 37 -36.73 18.31 -27.62
N LYS B 38 -35.66 18.41 -26.85
CA LYS B 38 -34.58 17.39 -26.92
C LYS B 38 -34.45 16.74 -25.55
N GLU B 39 -34.52 15.42 -25.48
CA GLU B 39 -34.35 14.69 -24.21
C GLU B 39 -32.87 14.69 -23.81
N LEU B 40 -32.59 14.68 -22.52
CA LEU B 40 -31.20 14.70 -22.01
C LEU B 40 -30.43 13.46 -22.50
N GLY B 41 -31.12 12.32 -22.61
CA GLY B 41 -30.44 11.12 -23.07
C GLY B 41 -29.97 11.21 -24.51
N ASN B 42 -30.54 12.14 -25.29
CA ASN B 42 -30.16 12.32 -26.69
C ASN B 42 -28.91 13.17 -26.86
N LEU B 43 -28.45 13.83 -25.81
CA LEU B 43 -27.18 14.55 -25.85
C LEU B 43 -26.04 13.59 -26.16
N THR B 44 -25.07 14.07 -26.94
CA THR B 44 -23.86 13.28 -27.14
C THR B 44 -23.07 13.22 -25.83
N LEU B 45 -22.17 12.23 -25.77
CA LEU B 45 -21.32 12.07 -24.59
C LEU B 45 -20.42 13.27 -24.36
N ASN B 46 -19.86 13.84 -25.43
CA ASN B 46 -18.99 15.02 -25.29
C ASN B 46 -19.71 16.18 -24.61
N SER B 47 -20.89 16.54 -25.13
CA SER B 47 -21.64 17.68 -24.58
C SER B 47 -22.12 17.38 -23.17
N ALA B 48 -22.52 16.13 -22.92
CA ALA B 48 -22.92 15.74 -21.57
C ALA B 48 -21.77 15.92 -20.60
N GLU B 49 -20.56 15.52 -21.00
CA GLU B 49 -19.40 15.73 -20.15
C GLU B 49 -19.15 17.20 -19.89
N LYS B 50 -19.27 18.04 -20.92
CA LYS B 50 -19.03 19.46 -20.70
C LYS B 50 -20.01 20.03 -19.67
N LEU B 51 -21.29 19.71 -19.82
CA LEU B 51 -22.28 20.20 -18.86
C LEU B 51 -22.02 19.65 -17.45
N PHE B 52 -21.70 18.36 -17.37
CA PHE B 52 -21.46 17.71 -16.09
C PHE B 52 -20.24 18.31 -15.37
N GLU B 53 -19.15 18.54 -16.10
CA GLU B 53 -17.91 19.08 -15.49
C GLU B 53 -18.13 20.52 -15.03
N TYR B 54 -18.87 21.32 -15.79
CA TYR B 54 -19.18 22.71 -15.35
C TYR B 54 -20.04 22.67 -14.08
N GLN B 55 -21.07 21.83 -14.04
CA GLN B 55 -21.87 21.80 -12.82
C GLN B 55 -21.08 21.30 -11.62
N LYS B 56 -20.17 20.35 -11.83
CA LYS B 56 -19.32 19.85 -10.73
C LYS B 56 -18.46 20.99 -10.19
N GLU B 57 -17.91 21.82 -11.06
CA GLU B 57 -17.10 22.99 -10.65
C GLU B 57 -17.98 23.97 -9.86
N MET B 58 -19.23 24.13 -10.28
CA MET B 58 -20.16 25.04 -9.58
C MET B 58 -20.44 24.51 -8.18
N GLU B 59 -20.28 23.20 -7.97
CA GLU B 59 -20.60 22.62 -6.63
C GLU B 59 -19.31 22.21 -5.92
N LYS B 60 -18.16 22.63 -6.45
CA LYS B 60 -16.87 22.21 -5.88
C LYS B 60 -16.62 22.94 -4.55
N VAL B 61 -16.14 22.20 -3.55
CA VAL B 61 -15.75 22.82 -2.29
C VAL B 61 -14.44 23.57 -2.48
N ASP B 62 -14.38 24.80 -1.99
CA ASP B 62 -13.14 25.55 -2.12
C ASP B 62 -12.23 25.27 -0.92
N THR B 63 -10.96 25.65 -1.09
CA THR B 63 -9.93 25.46 -0.08
C THR B 63 -9.09 26.73 -0.01
N TRP B 64 -8.92 27.27 1.21
CA TRP B 64 -7.99 28.36 1.43
C TRP B 64 -7.14 27.96 2.62
N ILE B 65 -5.85 28.26 2.54
CA ILE B 65 -4.84 27.84 3.51
C ILE B 65 -4.15 29.08 4.04
N VAL B 66 -4.05 29.18 5.35
CA VAL B 66 -3.27 30.20 6.03
C VAL B 66 -2.17 29.49 6.83
N TYR B 67 -0.92 29.81 6.53
CA TYR B 67 0.22 29.28 7.25
C TYR B 67 0.73 30.32 8.25
N ARG B 68 1.00 29.87 9.47
CA ARG B 68 1.60 30.69 10.51
C ARG B 68 2.86 29.98 11.02
N GLY B 69 3.99 30.69 10.95
CA GLY B 69 5.27 30.16 11.40
C GLY B 69 5.83 30.99 12.52
N ARG B 70 6.52 30.34 13.46
CA ARG B 70 7.14 31.08 14.59
C ARG B 70 8.58 30.60 14.79
N THR B 71 9.48 31.53 15.15
CA THR B 71 10.87 31.16 15.47
C THR B 71 10.85 30.45 16.83
N ALA B 72 11.89 29.66 17.11
CA ALA B 72 11.98 28.97 18.42
C ALA B 72 12.02 30.03 19.54
N ASP B 73 12.61 31.20 19.27
CA ASP B 73 12.69 32.29 20.28
C ASP B 73 11.38 33.08 20.30
N MET B 74 10.47 32.78 19.35
CA MET B 74 9.12 33.44 19.32
C MET B 74 9.28 34.95 19.18
N ASN B 75 10.46 35.41 18.74
CA ASN B 75 10.67 36.85 18.44
C ASN B 75 10.00 37.22 17.11
N LYS B 76 10.10 36.34 16.11
CA LYS B 76 9.56 36.68 14.76
C LYS B 76 8.43 35.74 14.35
N SER B 77 7.38 36.29 13.74
CA SER B 77 6.28 35.48 13.23
C SER B 77 6.12 35.71 11.73
N TYR B 78 5.68 34.65 11.06
CA TYR B 78 5.48 34.62 9.62
C TYR B 78 4.04 34.23 9.31
N ILE B 79 3.50 34.83 8.25
CA ILE B 79 2.13 34.47 7.80
C ILE B 79 2.13 34.40 6.27
N ALA B 80 1.67 33.28 5.72
CA ALA B 80 1.56 33.14 4.25
C ALA B 80 0.19 32.55 3.92
N GLU B 81 -0.36 32.92 2.77
CA GLU B 81 -1.72 32.48 2.41
C GLU B 81 -1.75 31.97 0.98
N GLY B 82 -2.78 31.18 0.65
CA GLY B 82 -2.90 30.62 -0.70
C GLY B 82 -3.95 29.53 -0.78
N SER B 83 -4.39 29.20 -1.98
CA SER B 83 -5.35 28.12 -2.19
C SER B 83 -4.70 26.74 -2.30
N THR B 84 -3.39 26.67 -2.52
CA THR B 84 -2.63 25.43 -2.53
C THR B 84 -1.36 25.63 -1.74
N TYR B 85 -0.71 24.52 -1.40
CA TYR B 85 0.54 24.63 -0.67
C TYR B 85 1.64 25.29 -1.50
N GLU B 86 1.61 25.13 -2.82
CA GLU B 86 2.60 25.84 -3.68
C GLU B 86 2.40 27.35 -3.61
N GLU B 87 1.16 27.81 -3.65
CA GLU B 87 0.87 29.27 -3.61
C GLU B 87 1.24 29.82 -2.22
N VAL B 88 1.03 29.02 -1.17
CA VAL B 88 1.45 29.43 0.20
C VAL B 88 2.98 29.55 0.21
N TYR B 89 3.67 28.58 -0.39
CA TYR B 89 5.13 28.64 -0.42
C TYR B 89 5.60 29.86 -1.21
N ASN B 90 4.98 30.10 -2.36
CA ASN B 90 5.35 31.27 -3.16
C ASN B 90 5.09 32.56 -2.41
N ASN B 91 3.94 32.67 -1.73
CA ASN B 91 3.64 33.84 -0.94
C ASN B 91 4.67 34.02 0.16
N PHE B 92 5.06 32.92 0.80
CA PHE B 92 6.07 32.99 1.84
C PHE B 92 7.39 33.54 1.30
N VAL B 93 7.84 33.01 0.16
CA VAL B 93 9.14 33.46 -0.32
C VAL B 93 9.06 34.90 -0.84
N ASP B 94 7.91 35.27 -1.40
CA ASP B 94 7.72 36.67 -1.86
C ASP B 94 7.77 37.62 -0.66
N LYS B 95 7.27 37.19 0.50
CA LYS B 95 7.21 38.09 1.64
C LYS B 95 8.50 38.12 2.44
N TYR B 96 9.11 36.95 2.66
CA TYR B 96 10.23 36.84 3.58
C TYR B 96 11.53 36.38 2.92
N GLY B 97 11.49 35.96 1.66
CA GLY B 97 12.72 35.54 0.96
C GLY B 97 12.91 34.04 0.91
N TYR B 98 13.99 33.58 0.27
CA TYR B 98 14.22 32.13 0.08
C TYR B 98 15.28 31.62 1.06
N ASP B 99 15.72 32.46 2.01
CA ASP B 99 16.81 32.05 2.93
C ASP B 99 16.29 31.84 4.37
N VAL B 100 14.97 31.88 4.58
CA VAL B 100 14.41 31.76 5.95
C VAL B 100 14.15 30.29 6.24
N LEU B 101 13.60 29.55 5.28
CA LEU B 101 13.36 28.09 5.41
C LEU B 101 14.70 27.34 5.38
N ASP B 102 14.72 26.10 5.87
CA ASP B 102 15.97 25.31 5.94
C ASP B 102 16.73 25.31 4.62
N GLU B 103 18.07 25.27 4.68
CA GLU B 103 18.92 25.34 3.47
C GLU B 103 18.66 24.15 2.56
N ASP B 104 18.46 24.41 1.27
CA ASP B 104 18.27 23.35 0.25
C ASP B 104 17.04 22.50 0.56
N ILE B 105 16.06 23.05 1.26
CA ILE B 105 14.88 22.22 1.67
C ILE B 105 14.18 21.73 0.40
N TYR B 106 14.12 22.57 -0.63
CA TYR B 106 13.48 22.18 -1.88
C TYR B 106 14.20 20.99 -2.51
N GLU B 107 15.52 21.09 -2.65
CA GLU B 107 16.29 20.01 -3.25
C GLU B 107 16.25 18.75 -2.40
N ILE B 108 16.34 18.91 -1.08
CA ILE B 108 16.28 17.76 -0.16
C ILE B 108 14.96 17.04 -0.32
N GLN B 109 13.86 17.79 -0.42
CA GLN B 109 12.55 17.19 -0.63
C GLN B 109 12.50 16.46 -1.96
N LEU B 110 13.12 17.03 -3.00
CA LEU B 110 13.18 16.34 -4.28
C LEU B 110 13.94 15.01 -4.18
N LEU B 111 15.07 15.03 -3.47
CA LEU B 111 15.86 13.82 -3.28
C LEU B 111 15.04 12.76 -2.54
N LYS B 112 14.37 13.17 -1.45
CA LYS B 112 13.56 12.23 -0.69
C LYS B 112 12.43 11.67 -1.55
N LYS B 113 11.86 12.51 -2.43
CA LYS B 113 10.72 12.06 -3.26
C LYS B 113 11.20 11.06 -4.31
N ASN B 114 12.46 11.13 -4.71
CA ASN B 114 12.95 10.27 -5.82
C ASN B 114 13.66 8.99 -5.31
N GLY B 115 13.65 8.74 -4.01
CA GLY B 115 14.26 7.52 -3.45
C GLY B 115 15.77 7.64 -3.27
N GLU B 116 16.30 8.86 -3.28
CA GLU B 116 17.78 9.04 -3.20
C GLU B 116 18.28 8.81 -1.77
N ASN B 117 19.59 8.85 -1.58
CA ASN B 117 20.19 8.59 -0.25
C ASN B 117 20.78 9.89 0.31
N LEU B 118 20.42 10.24 1.55
CA LEU B 118 20.92 11.48 2.18
C LEU B 118 22.44 11.39 2.34
N ASP B 119 22.94 10.20 2.65
CA ASP B 119 24.41 10.01 2.89
C ASP B 119 25.18 10.38 1.62
N ASP B 120 24.65 10.00 0.46
CA ASP B 120 25.32 10.27 -0.83
C ASP B 120 25.47 11.78 -1.05
N TYR B 121 24.51 12.58 -0.59
CA TYR B 121 24.53 14.04 -0.90
C TYR B 121 25.13 14.84 0.26
N ASP B 122 25.62 14.16 1.30
CA ASP B 122 26.31 14.88 2.42
C ASP B 122 25.38 15.96 2.96
N VAL B 123 24.12 15.61 3.22
CA VAL B 123 23.13 16.59 3.74
C VAL B 123 23.59 17.06 5.12
N ASP B 124 23.57 18.37 5.36
CA ASP B 124 24.02 18.94 6.65
C ASP B 124 23.06 20.05 7.07
N SER B 125 23.15 20.51 8.32
CA SER B 125 22.31 21.65 8.76
C SER B 125 22.66 22.84 7.86
N ASP B 126 23.92 23.00 7.51
CA ASP B 126 24.34 24.08 6.57
C ASP B 126 23.70 23.85 5.19
N GLY B 127 23.54 22.58 4.78
CA GLY B 127 22.86 22.29 3.51
C GLY B 127 23.46 21.08 2.83
N ILE B 128 23.03 20.75 1.62
CA ILE B 128 23.70 19.65 0.86
C ILE B 128 25.15 20.09 0.64
N ASN B 129 26.13 19.25 0.95
CA ASN B 129 27.56 19.64 0.82
C ASN B 129 28.15 19.05 -0.47
N ASN B 130 27.70 17.87 -0.88
CA ASN B 130 28.23 17.22 -2.12
C ASN B 130 27.48 17.79 -3.33
N TYR B 131 27.89 18.98 -3.78
CA TYR B 131 27.18 19.67 -4.89
C TYR B 131 27.28 18.89 -6.21
N ASP B 132 28.42 18.24 -6.47
CA ASP B 132 28.62 17.59 -7.80
C ASP B 132 27.55 16.53 -8.06
N LYS B 133 27.24 15.70 -7.06
CA LYS B 133 26.21 14.64 -7.22
C LYS B 133 24.86 15.31 -7.48
N LEU B 134 24.56 16.41 -6.79
CA LEU B 134 23.26 17.11 -6.95
C LEU B 134 23.11 17.63 -8.39
N ASP B 135 24.18 18.19 -8.94
CA ASP B 135 24.14 18.72 -10.34
C ASP B 135 23.88 17.55 -11.28
N GLU B 136 24.52 16.41 -11.03
CA GLU B 136 24.28 15.20 -11.86
C GLU B 136 22.82 14.76 -11.70
N PHE B 137 22.29 14.85 -10.48
CA PHE B 137 20.87 14.45 -10.22
C PHE B 137 19.93 15.33 -11.04
N ARG B 138 20.23 16.62 -11.14
CA ARG B 138 19.38 17.54 -11.95
C ARG B 138 19.42 17.07 -13.40
N GLU B 139 20.60 16.64 -13.87
CA GLU B 139 20.70 16.10 -15.26
C GLU B 139 19.90 14.81 -15.33
N SER B 140 19.87 14.04 -14.24
CA SER B 140 19.09 12.77 -14.20
C SER B 140 17.59 13.07 -14.29
N ASP B 141 16.83 12.20 -14.95
CA ASP B 141 15.36 12.37 -15.01
C ASP B 141 14.79 12.07 -13.62
N TYR B 142 13.84 12.89 -13.15
CA TYR B 142 13.27 12.70 -11.78
C TYR B 142 11.81 13.18 -11.73
N VAL B 143 11.05 12.71 -10.73
CA VAL B 143 9.64 13.17 -10.54
C VAL B 143 9.66 14.54 -9.87
N ASP B 144 8.89 15.50 -10.40
CA ASP B 144 8.82 16.87 -9.82
C ASP B 144 8.03 16.86 -8.51
N LEU B 145 8.30 17.83 -7.63
CA LEU B 145 7.59 17.92 -6.32
C LEU B 145 6.09 18.12 -6.55
N GLU B 146 5.27 17.42 -5.77
CA GLU B 146 3.79 17.62 -5.84
C GLU B 146 3.39 18.70 -4.83
N ASP B 147 2.10 19.05 -4.78
CA ASP B 147 1.64 20.14 -3.88
C ASP B 147 1.92 19.82 -2.42
N TYR B 148 1.72 18.56 -1.99
CA TYR B 148 1.94 18.18 -0.57
C TYR B 148 3.39 18.42 -0.16
N ASP B 149 4.32 18.31 -1.11
CA ASP B 149 5.73 18.51 -0.79
C ASP B 149 6.01 19.94 -0.34
N TYR B 150 5.23 20.91 -0.82
CA TYR B 150 5.43 22.30 -0.38
C TYR B 150 5.04 22.47 1.09
N ARG B 151 4.00 21.77 1.55
CA ARG B 151 3.73 21.77 2.98
C ARG B 151 4.89 21.17 3.74
N GLU B 152 5.45 20.08 3.22
CA GLU B 152 6.56 19.44 3.92
C GLU B 152 7.81 20.33 3.95
N LEU B 153 7.98 21.18 2.92
CA LEU B 153 9.09 22.15 2.94
C LEU B 153 9.08 22.97 4.23
N PHE B 154 7.89 23.37 4.69
CA PHE B 154 7.80 24.13 5.96
C PHE B 154 8.03 23.18 7.14
N GLU B 155 7.35 22.03 7.16
CA GLU B 155 7.42 21.11 8.33
C GLU B 155 8.81 20.46 8.49
N ASN B 156 9.53 20.23 7.40
CA ASN B 156 10.88 19.63 7.48
C ASN B 156 11.86 20.70 7.99
N SER B 157 11.42 21.96 8.04
CA SER B 157 12.32 23.07 8.45
C SER B 157 12.35 23.27 9.96
N SER B 158 13.53 23.49 10.53
CA SER B 158 13.68 23.79 11.95
C SER B 158 14.77 24.81 12.27
N SER B 159 15.57 25.24 11.30
CA SER B 159 16.72 26.09 11.60
C SER B 159 16.29 27.48 12.08
N GLN B 160 15.43 28.13 11.32
CA GLN B 160 14.95 29.50 11.70
C GLN B 160 13.49 29.42 12.15
N VAL B 161 12.64 28.76 11.36
CA VAL B 161 11.21 28.60 11.75
C VAL B 161 11.04 27.23 12.40
N TYR B 162 10.63 27.20 13.65
CA TYR B 162 10.50 25.91 14.38
C TYR B 162 9.02 25.53 14.49
N TYR B 163 8.13 26.51 14.62
CA TYR B 163 6.69 26.23 14.82
C TYR B 163 5.93 26.41 13.49
N HIS B 164 5.14 25.42 13.10
CA HIS B 164 4.44 25.46 11.79
C HIS B 164 2.96 25.11 11.98
N GLU B 165 2.07 26.04 11.62
CA GLU B 165 0.61 25.80 11.75
C GLU B 165 -0.08 26.07 10.42
N PHE B 166 -0.91 25.13 9.98
CA PHE B 166 -1.67 25.29 8.71
C PHE B 166 -3.16 25.31 9.04
N GLU B 167 -3.80 26.44 8.84
CA GLU B 167 -5.22 26.58 9.10
C GLU B 167 -5.97 26.53 7.77
N ILE B 168 -6.88 25.57 7.62
CA ILE B 168 -7.59 25.33 6.37
C ILE B 168 -9.04 25.73 6.55
N THR B 169 -9.56 26.48 5.58
CA THR B 169 -11.00 26.84 5.57
C THR B 169 -11.62 26.43 4.23
N HIS B 170 -12.88 26.02 4.25
CA HIS B 170 -13.61 25.61 3.03
C HIS B 170 -14.79 26.55 2.80
N GLU B 171 -14.76 27.74 3.40
CA GLU B 171 -15.85 28.74 3.26
C GLU B 171 -15.92 29.28 1.82
N SER C 1 17.82 -7.90 21.40
CA SER C 1 19.12 -7.61 20.75
C SER C 1 19.01 -7.72 19.23
N MET C 2 18.62 -6.64 18.55
CA MET C 2 18.62 -6.64 17.05
C MET C 2 19.59 -5.55 16.60
N ARG C 3 20.51 -5.88 15.70
CA ARG C 3 21.57 -4.91 15.32
C ARG C 3 20.97 -3.63 14.74
N LYS C 4 19.98 -3.74 13.86
CA LYS C 4 19.43 -2.54 13.18
C LYS C 4 18.98 -1.51 14.21
N THR C 5 18.24 -1.92 15.23
CA THR C 5 17.71 -0.98 16.23
C THR C 5 18.85 -0.34 17.02
N ILE C 6 19.82 -1.15 17.44
CA ILE C 6 20.96 -0.59 18.16
C ILE C 6 21.74 0.35 17.25
N GLU C 7 21.82 0.02 15.97
CA GLU C 7 22.56 0.88 15.01
C GLU C 7 21.89 2.26 14.96
N ARG C 8 20.56 2.32 15.01
CA ARG C 8 19.86 3.62 15.03
C ARG C 8 20.22 4.41 16.29
N LEU C 9 20.28 3.74 17.44
CA LEU C 9 20.66 4.43 18.70
C LEU C 9 22.07 5.00 18.54
N LEU C 10 23.00 4.25 17.93
CA LEU C 10 24.39 4.72 17.80
C LEU C 10 24.39 5.92 16.85
N ASN C 11 23.68 5.81 15.73
CA ASN C 11 23.68 6.90 14.73
C ASN C 11 22.58 7.92 15.06
N SER C 12 22.55 8.41 16.30
CA SER C 12 21.54 9.41 16.73
C SER C 12 22.25 10.58 17.42
N GLU C 13 21.61 11.76 17.42
CA GLU C 13 22.19 12.94 18.12
C GLU C 13 21.80 12.89 19.59
N LEU C 14 22.38 11.94 20.34
CA LEU C 14 22.13 11.84 21.80
C LEU C 14 23.48 11.67 22.49
N SER C 15 23.60 12.10 23.75
CA SER C 15 24.90 12.06 24.45
C SER C 15 25.21 10.63 24.91
N SER C 16 26.45 10.17 24.72
CA SER C 16 26.84 8.83 25.20
C SER C 16 26.66 8.80 26.72
N ASN C 17 26.98 9.92 27.39
CA ASN C 17 26.75 10.02 28.86
C ASN C 17 25.26 9.91 29.15
N SER C 18 24.41 10.56 28.36
CA SER C 18 22.93 10.47 28.54
C SER C 18 22.49 9.05 28.22
N ILE C 19 22.94 8.51 27.09
CA ILE C 19 22.65 7.11 26.77
C ILE C 19 23.05 6.21 27.93
N ALA C 20 24.19 6.48 28.56
CA ALA C 20 24.61 5.69 29.72
C ALA C 20 23.58 5.81 30.84
N VAL C 21 23.08 7.02 31.07
CA VAL C 21 22.08 7.24 32.11
C VAL C 21 20.79 6.50 31.78
N ARG C 22 20.38 6.53 30.51
CA ARG C 22 19.13 5.91 30.14
C ARG C 22 19.23 4.38 30.12
N THR C 23 20.38 3.85 29.70
CA THR C 23 20.59 2.42 29.50
C THR C 23 21.40 1.74 30.60
N GLY C 24 22.33 2.46 31.23
CA GLY C 24 23.23 1.84 32.18
C GLY C 24 24.51 1.29 31.58
N VAL C 25 24.69 1.49 30.27
CA VAL C 25 25.87 0.91 29.56
C VAL C 25 27.01 1.93 29.62
N SER C 26 28.22 1.47 29.87
CA SER C 26 29.40 2.37 29.98
C SER C 26 29.51 3.25 28.73
N GLN C 27 29.76 4.54 28.93
CA GLN C 27 29.91 5.49 27.79
C GLN C 27 31.12 5.05 26.98
N ALA C 28 32.12 4.49 27.65
CA ALA C 28 33.35 4.03 26.95
C ALA C 28 32.97 2.97 25.93
N VAL C 29 32.06 2.07 26.28
CA VAL C 29 31.59 1.04 25.30
C VAL C 29 30.88 1.73 24.14
N ILE C 30 30.02 2.71 24.43
CA ILE C 30 29.22 3.38 23.37
C ILE C 30 30.17 4.17 22.47
N SER C 31 31.15 4.86 23.06
CA SER C 31 32.11 5.65 22.29
C SER C 31 32.95 4.76 21.38
N LYS C 32 33.46 3.65 21.91
CA LYS C 32 34.23 2.76 21.06
C LYS C 32 33.37 2.08 20.01
N LEU C 33 32.08 1.91 20.29
CA LEU C 33 31.17 1.36 19.23
C LEU C 33 31.06 2.39 18.10
N ARG C 34 30.86 3.66 18.46
CA ARG C 34 30.75 4.73 17.43
C ARG C 34 32.09 4.91 16.69
N ASN C 35 33.21 4.93 17.41
CA ASN C 35 34.55 5.15 16.80
C ASN C 35 34.96 3.97 15.91
N GLY C 36 34.38 2.78 16.13
CA GLY C 36 34.79 1.59 15.37
C GLY C 36 35.83 0.79 16.13
N LYS C 37 36.20 1.26 17.33
CA LYS C 37 37.15 0.50 18.19
C LYS C 37 36.50 -0.82 18.60
N LYS C 38 35.20 -0.80 18.90
CA LYS C 38 34.48 -2.04 19.29
C LYS C 38 33.39 -2.34 18.26
N GLU C 39 33.38 -3.56 17.72
CA GLU C 39 32.29 -3.97 16.80
C GLU C 39 31.04 -4.30 17.60
N LEU C 40 29.85 -4.14 17.02
CA LEU C 40 28.57 -4.45 17.69
C LEU C 40 28.52 -5.95 18.02
N GLY C 41 29.04 -6.79 17.13
CA GLY C 41 29.03 -8.25 17.34
C GLY C 41 29.85 -8.68 18.55
N ASN C 42 30.79 -7.85 18.99
CA ASN C 42 31.55 -8.16 20.19
C ASN C 42 30.91 -7.64 21.47
N LEU C 43 29.89 -6.80 21.36
CA LEU C 43 29.12 -6.41 22.52
C LEU C 43 28.49 -7.64 23.15
N THR C 44 28.39 -7.65 24.47
CA THR C 44 27.74 -8.78 25.17
C THR C 44 26.23 -8.73 24.92
N LEU C 45 25.56 -9.85 25.10
CA LEU C 45 24.09 -9.91 24.95
C LEU C 45 23.46 -8.99 25.99
N ASN C 46 23.99 -8.98 27.21
CA ASN C 46 23.38 -8.16 28.29
C ASN C 46 23.41 -6.69 27.88
N SER C 47 24.54 -6.21 27.39
CA SER C 47 24.69 -4.79 26.97
C SER C 47 23.88 -4.47 25.71
N ALA C 48 23.88 -5.38 24.73
CA ALA C 48 23.09 -5.19 23.50
C ALA C 48 21.61 -5.14 23.85
N GLU C 49 21.19 -6.02 24.76
CA GLU C 49 19.77 -6.04 25.20
C GLU C 49 19.41 -4.68 25.81
N LYS C 50 20.25 -4.16 26.71
CA LYS C 50 19.87 -2.90 27.35
C LYS C 50 19.68 -1.80 26.31
N LEU C 51 20.64 -1.68 25.38
CA LEU C 51 20.53 -0.64 24.37
C LEU C 51 19.29 -0.85 23.50
N PHE C 52 19.06 -2.10 23.09
CA PHE C 52 17.96 -2.44 22.21
C PHE C 52 16.61 -2.16 22.86
N GLU C 53 16.48 -2.52 24.14
CA GLU C 53 15.19 -2.35 24.84
C GLU C 53 14.84 -0.87 25.01
N TYR C 54 15.84 -0.02 25.26
CA TYR C 54 15.57 1.42 25.39
C TYR C 54 15.03 1.97 24.06
N GLN C 55 15.75 1.73 22.97
CA GLN C 55 15.37 2.26 21.63
C GLN C 55 14.00 1.70 21.28
N LYS C 56 13.78 0.41 21.60
CA LYS C 56 12.49 -0.22 21.24
C LYS C 56 11.36 0.51 21.96
N GLU C 57 11.52 0.79 23.24
CA GLU C 57 10.45 1.45 24.03
C GLU C 57 10.19 2.84 23.45
N MET C 58 11.28 3.55 23.12
CA MET C 58 11.13 4.93 22.56
C MET C 58 10.34 4.86 21.25
N GLU C 59 10.57 3.85 20.42
CA GLU C 59 9.90 3.78 19.10
C GLU C 59 8.53 3.13 19.20
N LYS C 60 8.11 2.65 20.36
CA LYS C 60 6.84 1.89 20.46
C LYS C 60 5.65 2.73 20.00
N VAL C 61 5.61 4.01 20.39
CA VAL C 61 4.49 4.91 20.00
C VAL C 61 4.45 5.09 18.49
N ASP C 62 5.62 5.16 17.83
CA ASP C 62 5.67 5.44 16.38
C ASP C 62 5.85 4.16 15.54
N THR C 63 5.70 2.97 16.13
CA THR C 63 5.97 1.75 15.38
C THR C 63 4.66 1.21 14.82
N TRP C 64 4.60 1.09 13.50
CA TRP C 64 3.45 0.54 12.80
C TRP C 64 3.91 -0.41 11.70
N ILE C 65 3.13 -1.46 11.48
CA ILE C 65 3.40 -2.50 10.48
C ILE C 65 2.18 -2.61 9.58
N VAL C 66 2.42 -2.60 8.27
CA VAL C 66 1.38 -2.82 7.27
C VAL C 66 1.72 -4.08 6.47
N TYR C 67 0.82 -5.05 6.50
CA TYR C 67 0.96 -6.30 5.75
C TYR C 67 0.06 -6.27 4.52
N ARG C 68 0.61 -6.70 3.39
CA ARG C 68 -0.16 -6.89 2.17
C ARG C 68 0.05 -8.31 1.64
N GLY C 69 -1.05 -9.01 1.41
CA GLY C 69 -1.01 -10.38 0.92
C GLY C 69 -1.63 -10.49 -0.45
N ARG C 70 -0.90 -11.16 -1.34
CA ARG C 70 -1.35 -11.30 -2.75
C ARG C 70 -1.93 -12.68 -2.97
N THR C 71 -2.94 -12.79 -3.85
CA THR C 71 -3.58 -14.09 -4.16
C THR C 71 -3.58 -14.26 -5.68
N ALA C 72 -4.14 -15.36 -6.19
CA ALA C 72 -4.23 -15.62 -7.64
C ALA C 72 -5.11 -14.56 -8.29
N ASP C 73 -6.17 -14.14 -7.60
CA ASP C 73 -7.01 -13.05 -8.14
C ASP C 73 -6.27 -11.74 -7.89
N MET C 74 -5.82 -11.09 -8.95
CA MET C 74 -5.06 -9.82 -8.84
C MET C 74 -5.98 -8.78 -8.21
N ASN C 75 -7.26 -8.84 -8.55
CA ASN C 75 -8.24 -7.91 -7.95
C ASN C 75 -8.29 -8.13 -6.44
N LYS C 76 -8.27 -9.39 -5.95
CA LYS C 76 -8.40 -9.69 -4.50
C LYS C 76 -7.07 -9.60 -3.76
N SER C 77 -6.96 -8.72 -2.76
CA SER C 77 -5.72 -8.62 -1.95
C SER C 77 -6.07 -8.42 -0.47
N TYR C 78 -5.15 -8.73 0.43
CA TYR C 78 -5.41 -8.65 1.86
C TYR C 78 -4.52 -7.59 2.48
N ILE C 79 -5.07 -6.85 3.44
CA ILE C 79 -4.32 -5.83 4.17
C ILE C 79 -4.59 -6.03 5.65
N ALA C 80 -3.51 -6.00 6.44
CA ALA C 80 -3.65 -6.07 7.91
C ALA C 80 -2.61 -5.15 8.53
N GLU C 81 -2.90 -4.60 9.71
CA GLU C 81 -1.99 -3.61 10.29
C GLU C 81 -1.92 -3.73 11.81
N GLY C 82 -0.85 -3.21 12.40
CA GLY C 82 -0.68 -3.28 13.87
C GLY C 82 0.70 -2.83 14.33
N SER C 83 0.85 -2.53 15.63
CA SER C 83 2.16 -2.15 16.22
C SER C 83 3.10 -3.35 16.22
N THR C 84 2.55 -4.55 16.39
CA THR C 84 3.36 -5.78 16.46
C THR C 84 2.84 -6.79 15.43
N TYR C 85 3.62 -7.81 15.11
CA TYR C 85 3.19 -8.87 14.16
C TYR C 85 1.95 -9.57 14.69
N GLU C 86 1.88 -9.77 16.01
CA GLU C 86 0.68 -10.40 16.63
C GLU C 86 -0.55 -9.53 16.39
N GLU C 87 -0.41 -8.21 16.53
CA GLU C 87 -1.54 -7.30 16.26
C GLU C 87 -1.92 -7.38 14.78
N VAL C 88 -0.93 -7.46 13.91
CA VAL C 88 -1.20 -7.61 12.45
C VAL C 88 -1.99 -8.90 12.25
N TYR C 89 -1.59 -9.98 12.93
CA TYR C 89 -2.33 -11.27 12.82
C TYR C 89 -3.76 -11.09 13.35
N ASN C 90 -3.91 -10.47 14.51
CA ASN C 90 -5.25 -10.24 15.12
C ASN C 90 -6.11 -9.41 14.16
N ASN C 91 -5.55 -8.36 13.57
CA ASN C 91 -6.29 -7.55 12.60
C ASN C 91 -6.68 -8.37 11.37
N PHE C 92 -5.75 -9.21 10.90
CA PHE C 92 -6.04 -10.06 9.75
C PHE C 92 -7.17 -11.03 10.06
N VAL C 93 -7.18 -11.64 11.24
CA VAL C 93 -8.23 -12.65 11.55
C VAL C 93 -9.57 -11.95 11.83
N ASP C 94 -9.55 -10.75 12.41
CA ASP C 94 -10.79 -9.98 12.66
C ASP C 94 -11.43 -9.58 11.33
N LYS C 95 -10.63 -9.21 10.34
CA LYS C 95 -11.20 -8.72 9.06
C LYS C 95 -11.49 -9.86 8.09
N TYR C 96 -10.64 -10.89 8.07
CA TYR C 96 -10.77 -11.93 7.02
C TYR C 96 -11.07 -13.33 7.57
N GLY C 97 -10.94 -13.53 8.87
CA GLY C 97 -11.31 -14.84 9.44
C GLY C 97 -10.14 -15.79 9.57
N TYR C 98 -10.39 -17.04 9.95
CA TYR C 98 -9.30 -18.02 10.21
C TYR C 98 -9.11 -18.99 9.05
N ASP C 99 -9.80 -18.82 7.93
CA ASP C 99 -9.74 -19.83 6.85
C ASP C 99 -8.99 -19.31 5.61
N VAL C 100 -8.23 -18.22 5.74
CA VAL C 100 -7.47 -17.71 4.60
C VAL C 100 -6.04 -18.22 4.62
N LEU C 101 -5.38 -18.17 5.76
CA LEU C 101 -4.02 -18.68 5.88
C LEU C 101 -4.05 -20.22 5.80
N ASP C 102 -2.88 -20.81 5.61
CA ASP C 102 -2.78 -22.26 5.43
C ASP C 102 -3.40 -23.01 6.60
N GLU C 103 -3.97 -24.18 6.31
CA GLU C 103 -4.67 -24.94 7.33
C GLU C 103 -3.81 -25.19 8.56
N ASP C 104 -4.35 -24.79 9.72
CA ASP C 104 -3.75 -25.04 11.03
C ASP C 104 -2.34 -24.48 11.15
N ILE C 105 -2.02 -23.43 10.39
CA ILE C 105 -0.66 -22.91 10.39
C ILE C 105 -0.25 -22.46 11.79
N TYR C 106 -1.15 -21.83 12.54
CA TYR C 106 -0.82 -21.39 13.89
C TYR C 106 -0.44 -22.58 14.77
N GLU C 107 -1.27 -23.62 14.77
CA GLU C 107 -1.02 -24.78 15.60
C GLU C 107 0.24 -25.52 15.17
N ILE C 108 0.46 -25.66 13.85
CA ILE C 108 1.66 -26.32 13.35
C ILE C 108 2.90 -25.55 13.78
N GLN C 109 2.85 -24.22 13.69
CA GLN C 109 3.96 -23.39 14.13
C GLN C 109 4.22 -23.56 15.62
N LEU C 110 3.16 -23.60 16.42
CA LEU C 110 3.30 -23.83 17.86
C LEU C 110 3.93 -25.19 18.15
N LEU C 111 3.51 -26.22 17.41
CA LEU C 111 4.07 -27.55 17.61
C LEU C 111 5.56 -27.55 17.30
N LYS C 112 5.94 -26.94 16.16
CA LYS C 112 7.34 -26.88 15.79
C LYS C 112 8.17 -26.10 16.80
N LYS C 113 7.61 -24.99 17.33
CA LYS C 113 8.36 -24.21 18.32
C LYS C 113 8.60 -25.01 19.60
N ASN C 114 7.70 -25.94 19.92
CA ASN C 114 7.81 -26.74 21.14
C ASN C 114 8.51 -28.08 20.91
N GLY C 115 9.17 -28.26 19.77
CA GLY C 115 9.94 -29.46 19.51
C GLY C 115 9.12 -30.70 19.27
N GLU C 116 7.85 -30.54 18.91
CA GLU C 116 6.96 -31.71 18.71
C GLU C 116 7.18 -32.33 17.33
N ASN C 117 6.94 -33.63 17.20
CA ASN C 117 7.08 -34.31 15.88
C ASN C 117 5.72 -34.26 15.19
N LEU C 118 5.67 -33.68 13.99
CA LEU C 118 4.38 -33.50 13.26
C LEU C 118 3.79 -34.85 12.85
N ASP C 119 4.63 -35.88 12.76
CA ASP C 119 4.15 -37.24 12.35
C ASP C 119 3.11 -37.71 13.37
N ASP C 120 3.30 -37.37 14.64
CA ASP C 120 2.37 -37.81 15.71
C ASP C 120 1.04 -37.08 15.57
N TYR C 121 1.01 -35.98 14.83
CA TYR C 121 -0.24 -35.17 14.73
C TYR C 121 -0.89 -35.41 13.37
N ASP C 122 -0.40 -36.39 12.61
CA ASP C 122 -1.02 -36.75 11.30
C ASP C 122 -1.16 -35.51 10.42
N VAL C 123 -0.09 -34.73 10.26
CA VAL C 123 -0.15 -33.47 9.47
C VAL C 123 -0.16 -33.77 7.97
N ASP C 124 -1.05 -33.11 7.23
CA ASP C 124 -1.11 -33.24 5.76
C ASP C 124 -1.61 -31.91 5.19
N SER C 125 -1.91 -31.85 3.90
CA SER C 125 -2.44 -30.62 3.26
C SER C 125 -3.72 -30.13 3.95
N ASP C 126 -4.56 -31.03 4.48
CA ASP C 126 -5.77 -30.65 5.23
C ASP C 126 -5.39 -30.10 6.61
N GLY C 127 -4.13 -30.24 7.01
CA GLY C 127 -3.67 -29.69 8.30
C GLY C 127 -3.44 -30.77 9.33
N ILE C 128 -3.69 -30.46 10.60
CA ILE C 128 -3.58 -31.47 11.65
C ILE C 128 -4.83 -32.36 11.61
N ASN C 129 -4.62 -33.68 11.56
CA ASN C 129 -5.73 -34.63 11.57
C ASN C 129 -5.93 -35.35 12.89
N ASN C 130 -4.88 -35.51 13.70
CA ASN C 130 -4.99 -36.16 15.00
C ASN C 130 -5.35 -35.13 16.08
N TYR C 131 -6.66 -34.85 16.18
CA TYR C 131 -7.13 -33.79 17.11
C TYR C 131 -6.95 -34.23 18.56
N ASP C 132 -6.94 -35.53 18.82
CA ASP C 132 -6.77 -36.04 20.19
C ASP C 132 -5.40 -35.64 20.75
N LYS C 133 -4.34 -35.79 19.95
CA LYS C 133 -2.98 -35.40 20.38
C LYS C 133 -2.88 -33.87 20.56
N LEU C 134 -3.51 -33.12 19.66
CA LEU C 134 -3.50 -31.64 19.78
C LEU C 134 -4.19 -31.24 21.08
N ASP C 135 -5.26 -31.93 21.44
CA ASP C 135 -5.98 -31.65 22.71
C ASP C 135 -5.04 -31.90 23.89
N GLU C 136 -4.26 -32.98 23.85
CA GLU C 136 -3.27 -33.25 24.92
C GLU C 136 -2.22 -32.14 24.95
N PHE C 137 -1.74 -31.69 23.79
CA PHE C 137 -0.69 -30.64 23.74
C PHE C 137 -1.23 -29.35 24.35
N ARG C 138 -2.48 -29.01 24.03
CA ARG C 138 -3.08 -27.76 24.55
C ARG C 138 -3.10 -27.82 26.07
N GLU C 139 -3.47 -28.98 26.63
CA GLU C 139 -3.48 -29.18 28.10
C GLU C 139 -2.05 -29.14 28.65
N SER C 140 -1.07 -29.64 27.90
CA SER C 140 0.33 -29.75 28.38
C SER C 140 0.95 -28.37 28.58
N ASP C 141 1.99 -28.30 29.43
CA ASP C 141 2.71 -27.00 29.57
C ASP C 141 3.48 -26.79 28.27
N TYR C 142 3.31 -25.63 27.65
CA TYR C 142 3.96 -25.40 26.34
C TYR C 142 4.43 -23.96 26.24
N VAL C 143 5.38 -23.70 25.35
CA VAL C 143 5.86 -22.31 25.13
C VAL C 143 4.93 -21.65 24.12
N ASP C 144 4.51 -20.42 24.39
CA ASP C 144 3.63 -19.66 23.47
C ASP C 144 4.47 -19.11 22.31
N LEU C 145 3.82 -18.77 21.20
CA LEU C 145 4.52 -18.18 20.05
C LEU C 145 5.04 -16.78 20.43
N GLU C 146 6.25 -16.45 19.98
CA GLU C 146 6.79 -15.09 20.19
C GLU C 146 6.32 -14.20 19.03
N ASP C 147 6.63 -12.91 19.06
CA ASP C 147 6.12 -11.97 18.02
C ASP C 147 6.62 -12.35 16.62
N TYR C 148 7.87 -12.80 16.51
CA TYR C 148 8.46 -13.15 15.19
C TYR C 148 7.65 -14.28 14.55
N ASP C 149 7.16 -15.20 15.38
CA ASP C 149 6.38 -16.35 14.88
C ASP C 149 5.13 -15.85 14.14
N TYR C 150 4.52 -14.77 14.63
CA TYR C 150 3.30 -14.22 13.99
C TYR C 150 3.62 -13.73 12.57
N ARG C 151 4.82 -13.23 12.33
CA ARG C 151 5.20 -12.84 10.95
C ARG C 151 5.33 -14.13 10.12
N GLU C 152 5.87 -15.17 10.73
CA GLU C 152 6.09 -16.46 10.01
C GLU C 152 4.75 -17.13 9.66
N LEU C 153 3.71 -16.93 10.47
CA LEU C 153 2.40 -17.48 10.09
C LEU C 153 2.00 -17.04 8.70
N PHE C 154 2.24 -15.78 8.37
CA PHE C 154 2.03 -15.31 7.01
C PHE C 154 3.08 -15.86 6.07
N GLU C 155 4.36 -15.77 6.45
CA GLU C 155 5.39 -16.04 5.45
C GLU C 155 5.43 -17.51 5.02
N ASN C 156 5.07 -18.44 5.92
CA ASN C 156 4.99 -19.85 5.56
C ASN C 156 3.72 -20.20 4.81
N SER C 157 2.74 -19.30 4.76
CA SER C 157 1.47 -19.59 4.05
C SER C 157 1.65 -19.48 2.53
N SER C 158 1.25 -20.50 1.76
CA SER C 158 1.33 -20.45 0.27
C SER C 158 0.04 -20.88 -0.43
N SER C 159 -0.94 -21.44 0.28
CA SER C 159 -2.14 -21.98 -0.40
C SER C 159 -3.06 -20.94 -1.07
N GLN C 160 -3.44 -19.89 -0.35
CA GLN C 160 -4.34 -18.85 -0.92
C GLN C 160 -3.53 -17.57 -1.06
N VAL C 161 -2.83 -17.20 0.01
CA VAL C 161 -1.94 -16.01 -0.03
C VAL C 161 -0.53 -16.55 -0.24
N TYR C 162 0.09 -16.22 -1.37
CA TYR C 162 1.43 -16.79 -1.69
C TYR C 162 2.50 -15.70 -1.76
N TYR C 163 2.09 -14.43 -1.72
CA TYR C 163 3.08 -13.32 -1.66
C TYR C 163 2.77 -12.44 -0.45
N HIS C 164 3.79 -12.17 0.36
CA HIS C 164 3.58 -11.42 1.62
C HIS C 164 4.54 -10.24 1.70
N GLU C 165 3.99 -9.04 1.90
CA GLU C 165 4.83 -7.82 2.01
C GLU C 165 4.61 -7.17 3.38
N PHE C 166 5.70 -6.91 4.10
CA PHE C 166 5.61 -6.24 5.42
C PHE C 166 6.28 -4.87 5.35
N GLU C 167 5.53 -3.80 5.61
CA GLU C 167 6.11 -2.44 5.64
C GLU C 167 6.23 -2.03 7.11
N ILE C 168 7.46 -1.82 7.59
CA ILE C 168 7.67 -1.53 9.03
C ILE C 168 8.27 -0.14 9.19
N THR C 169 7.72 0.68 10.08
CA THR C 169 8.18 2.07 10.30
C THR C 169 9.64 2.07 10.79
N HIS C 170 10.00 1.11 11.65
CA HIS C 170 11.37 1.03 12.21
C HIS C 170 11.67 2.34 12.94
N GLU C 171 10.66 2.90 13.63
CA GLU C 171 10.82 4.18 14.36
C GLU C 171 9.63 4.36 15.29
N SER D 1 18.64 -13.01 18.60
CA SER D 1 19.54 -13.32 19.73
C SER D 1 18.72 -13.53 21.01
N MET D 2 17.41 -13.79 20.89
CA MET D 2 16.54 -13.89 22.08
C MET D 2 17.01 -15.04 22.98
N ARG D 3 17.04 -14.80 24.29
CA ARG D 3 17.56 -15.82 25.25
C ARG D 3 16.72 -17.08 25.26
N LYS D 4 15.39 -16.95 25.21
CA LYS D 4 14.51 -18.14 25.32
C LYS D 4 14.80 -19.15 24.21
N THR D 5 15.06 -18.69 22.98
CA THR D 5 15.37 -19.61 21.86
C THR D 5 16.74 -20.28 22.08
N ILE D 6 17.72 -19.49 22.51
CA ILE D 6 19.08 -20.04 22.78
C ILE D 6 18.98 -21.03 23.94
N GLU D 7 18.16 -20.73 24.94
CA GLU D 7 17.99 -21.61 26.11
C GLU D 7 17.37 -22.93 25.64
N ARG D 8 16.41 -22.87 24.72
CA ARG D 8 15.80 -24.10 24.17
C ARG D 8 16.90 -24.91 23.46
N LEU D 9 17.77 -24.27 22.67
CA LEU D 9 18.92 -25.02 22.07
C LEU D 9 19.82 -25.64 23.16
N LEU D 10 20.17 -24.87 24.19
CA LEU D 10 21.08 -25.36 25.27
C LEU D 10 20.42 -26.52 26.05
N ASN D 11 19.10 -26.48 26.23
CA ASN D 11 18.38 -27.53 26.98
C ASN D 11 17.98 -28.66 26.02
N SER D 12 18.48 -28.61 24.79
CA SER D 12 18.20 -29.69 23.80
C SER D 12 19.04 -30.93 24.10
N GLU D 13 18.70 -32.05 23.47
CA GLU D 13 19.43 -33.32 23.66
C GLU D 13 20.64 -33.37 22.72
N LEU D 14 20.79 -32.38 21.86
CA LEU D 14 21.95 -32.32 20.93
C LEU D 14 23.24 -32.18 21.75
N SER D 15 24.32 -32.82 21.31
CA SER D 15 25.60 -32.78 22.04
C SER D 15 26.22 -31.38 21.95
N SER D 16 27.04 -31.02 22.93
CA SER D 16 27.71 -29.70 22.92
C SER D 16 28.61 -29.60 21.68
N ASN D 17 29.27 -30.70 21.30
CA ASN D 17 30.14 -30.71 20.10
C ASN D 17 29.28 -30.57 18.84
N SER D 18 28.15 -31.27 18.76
CA SER D 18 27.33 -31.17 17.56
C SER D 18 26.82 -29.75 17.36
N ILE D 19 26.39 -29.10 18.45
CA ILE D 19 26.00 -27.69 18.37
C ILE D 19 27.18 -26.85 17.89
N ALA D 20 28.37 -27.17 18.36
CA ALA D 20 29.56 -26.38 17.97
C ALA D 20 29.79 -26.47 16.46
N VAL D 21 29.80 -27.69 15.92
CA VAL D 21 30.11 -27.87 14.47
C VAL D 21 29.04 -27.16 13.64
N ARG D 22 27.77 -27.33 14.00
CA ARG D 22 26.64 -26.75 13.23
C ARG D 22 26.61 -25.22 13.29
N THR D 23 26.96 -24.62 14.42
CA THR D 23 26.80 -23.14 14.57
C THR D 23 28.10 -22.38 14.39
N GLY D 24 29.26 -23.03 14.54
CA GLY D 24 30.49 -22.28 14.50
C GLY D 24 30.91 -21.68 15.82
N VAL D 25 30.12 -21.92 16.87
CA VAL D 25 30.49 -21.43 18.23
C VAL D 25 31.31 -22.54 18.90
N SER D 26 32.34 -22.19 19.67
CA SER D 26 33.24 -23.22 20.26
C SER D 26 32.50 -24.14 21.23
N GLN D 27 32.92 -25.41 21.29
CA GLN D 27 32.32 -26.39 22.25
C GLN D 27 32.59 -25.87 23.67
N ALA D 28 33.75 -25.26 23.90
CA ALA D 28 34.10 -24.77 25.24
C ALA D 28 33.08 -23.74 25.69
N VAL D 29 32.66 -22.86 24.80
CA VAL D 29 31.61 -21.87 25.14
C VAL D 29 30.31 -22.62 25.43
N ILE D 30 29.91 -23.55 24.57
CA ILE D 30 28.65 -24.25 24.77
C ILE D 30 28.65 -24.99 26.10
N SER D 31 29.75 -25.67 26.41
CA SER D 31 29.85 -26.39 27.68
C SER D 31 29.77 -25.44 28.87
N LYS D 32 30.46 -24.30 28.80
CA LYS D 32 30.39 -23.37 29.92
C LYS D 32 28.99 -22.76 30.06
N LEU D 33 28.31 -22.52 28.94
CA LEU D 33 26.93 -22.08 29.01
C LEU D 33 26.05 -23.15 29.67
N ARG D 34 26.28 -24.42 29.34
CA ARG D 34 25.43 -25.49 29.87
C ARG D 34 25.69 -25.75 31.35
N ASN D 35 26.94 -25.65 31.82
CA ASN D 35 27.19 -25.96 33.23
C ASN D 35 27.05 -24.76 34.15
N GLY D 36 26.82 -23.57 33.61
CA GLY D 36 26.67 -22.38 34.43
C GLY D 36 27.93 -21.58 34.66
N LYS D 37 29.08 -22.06 34.16
CA LYS D 37 30.32 -21.30 34.33
C LYS D 37 30.29 -20.00 33.54
N LYS D 38 29.66 -20.00 32.36
CA LYS D 38 29.47 -18.79 31.58
C LYS D 38 27.98 -18.47 31.51
N GLU D 39 27.60 -17.24 31.86
CA GLU D 39 26.18 -16.84 31.75
C GLU D 39 25.85 -16.52 30.28
N LEU D 40 24.60 -16.73 29.86
CA LEU D 40 24.17 -16.50 28.46
C LEU D 40 24.34 -15.02 28.09
N GLY D 41 24.11 -14.13 29.05
CA GLY D 41 24.30 -12.68 28.80
C GLY D 41 25.74 -12.36 28.44
N ASN D 42 26.70 -13.10 29.00
CA ASN D 42 28.15 -12.87 28.72
C ASN D 42 28.45 -13.13 27.24
N LEU D 43 27.65 -13.98 26.59
CA LEU D 43 27.89 -14.32 25.17
C LEU D 43 27.91 -13.06 24.32
N THR D 44 28.80 -13.01 23.33
CA THR D 44 28.83 -11.89 22.38
C THR D 44 27.62 -11.97 21.44
N LEU D 45 27.23 -10.84 20.85
CA LEU D 45 26.05 -10.79 19.95
C LEU D 45 26.28 -11.71 18.75
N ASN D 46 27.49 -11.70 18.18
CA ASN D 46 27.81 -12.58 17.03
C ASN D 46 27.48 -14.03 17.36
N SER D 47 27.98 -14.53 18.50
CA SER D 47 27.81 -15.96 18.85
C SER D 47 26.35 -16.23 19.25
N ALA D 48 25.73 -15.26 19.93
CA ALA D 48 24.32 -15.40 20.29
C ALA D 48 23.45 -15.49 19.04
N GLU D 49 23.75 -14.66 18.04
CA GLU D 49 23.02 -14.72 16.78
C GLU D 49 23.19 -16.08 16.11
N LYS D 50 24.41 -16.62 16.13
CA LYS D 50 24.67 -17.95 15.51
C LYS D 50 23.81 -19.02 16.19
N LEU D 51 23.74 -19.00 17.51
CA LEU D 51 22.94 -20.01 18.26
C LEU D 51 21.44 -19.77 18.01
N PHE D 52 21.00 -18.51 17.96
CA PHE D 52 19.57 -18.17 17.74
C PHE D 52 19.12 -18.64 16.36
N GLU D 53 19.91 -18.35 15.32
CA GLU D 53 19.55 -18.72 13.93
C GLU D 53 19.52 -20.24 13.75
N TYR D 54 20.47 -20.96 14.34
CA TYR D 54 20.42 -22.45 14.26
C TYR D 54 19.13 -22.94 14.92
N GLN D 55 18.76 -22.44 16.10
CA GLN D 55 17.55 -22.97 16.78
C GLN D 55 16.29 -22.61 15.99
N LYS D 56 16.27 -21.44 15.36
CA LYS D 56 15.10 -21.02 14.55
C LYS D 56 14.92 -21.97 13.36
N GLU D 57 16.02 -22.38 12.72
CA GLU D 57 15.95 -23.35 11.60
C GLU D 57 15.42 -24.69 12.10
N MET D 58 15.81 -25.10 13.31
CA MET D 58 15.32 -26.36 13.91
C MET D 58 13.81 -26.28 14.12
N GLU D 59 13.29 -25.11 14.49
CA GLU D 59 11.84 -24.94 14.74
C GLU D 59 11.10 -24.43 13.49
N LYS D 60 11.80 -24.27 12.36
CA LYS D 60 11.15 -23.68 11.16
C LYS D 60 10.09 -24.62 10.58
N VAL D 61 8.94 -24.07 10.19
CA VAL D 61 7.89 -24.89 9.54
C VAL D 61 8.35 -25.15 8.10
N ASP D 62 8.27 -26.40 7.66
CA ASP D 62 8.65 -26.72 6.29
C ASP D 62 7.47 -26.53 5.36
N THR D 63 7.77 -26.52 4.06
CA THR D 63 6.79 -26.32 3.01
C THR D 63 7.07 -27.30 1.87
N TRP D 64 6.06 -28.04 1.44
CA TRP D 64 6.17 -28.86 0.24
C TRP D 64 4.94 -28.56 -0.62
N ILE D 65 5.15 -28.47 -1.93
CA ILE D 65 4.14 -28.06 -2.90
C ILE D 65 3.97 -29.15 -3.95
N VAL D 66 2.72 -29.52 -4.20
CA VAL D 66 2.34 -30.42 -5.27
C VAL D 66 1.46 -29.64 -6.23
N TYR D 67 1.88 -29.53 -7.48
CA TYR D 67 1.10 -28.91 -8.52
C TYR D 67 0.44 -29.99 -9.37
N ARG D 68 -0.85 -29.81 -9.64
CA ARG D 68 -1.60 -30.69 -10.54
C ARG D 68 -2.23 -29.82 -11.62
N GLY D 69 -1.89 -30.12 -12.87
CA GLY D 69 -2.48 -29.40 -14.01
C GLY D 69 -3.29 -30.32 -14.89
N ARG D 70 -4.32 -29.78 -15.53
CA ARG D 70 -5.14 -30.60 -16.44
C ARG D 70 -5.48 -29.82 -17.71
N THR D 71 -5.53 -30.52 -18.84
CA THR D 71 -5.95 -29.89 -20.12
C THR D 71 -7.45 -29.60 -20.05
N ALA D 72 -7.94 -28.66 -20.85
CA ALA D 72 -9.38 -28.36 -20.88
C ALA D 72 -10.14 -29.62 -21.29
N ASP D 73 -9.59 -30.39 -22.24
CA ASP D 73 -10.20 -31.68 -22.66
C ASP D 73 -10.16 -32.70 -21.52
N MET D 74 -9.19 -32.58 -20.60
CA MET D 74 -9.06 -33.47 -19.41
C MET D 74 -8.50 -34.84 -19.83
N ASN D 75 -7.89 -34.90 -21.02
CA ASN D 75 -7.25 -36.17 -21.48
C ASN D 75 -5.81 -36.22 -20.99
N LYS D 76 -5.20 -35.05 -20.74
CA LYS D 76 -3.77 -35.01 -20.32
C LYS D 76 -3.64 -34.42 -18.92
N SER D 77 -2.87 -35.08 -18.06
CA SER D 77 -2.67 -34.59 -16.67
C SER D 77 -1.18 -34.37 -16.38
N TYR D 78 -0.86 -33.35 -15.61
CA TYR D 78 0.51 -33.00 -15.21
C TYR D 78 0.62 -32.97 -13.70
N ILE D 79 1.76 -33.42 -13.18
CA ILE D 79 2.04 -33.29 -11.75
C ILE D 79 3.49 -32.84 -11.61
N ALA D 80 3.73 -31.85 -10.76
CA ALA D 80 5.08 -31.39 -10.48
C ALA D 80 5.20 -31.09 -9.00
N GLU D 81 6.42 -31.16 -8.48
CA GLU D 81 6.59 -31.05 -7.04
C GLU D 81 7.85 -30.27 -6.71
N GLY D 82 7.84 -29.68 -5.51
CA GLY D 82 8.99 -28.95 -5.02
C GLY D 82 8.73 -28.19 -3.72
N SER D 83 9.80 -27.74 -3.05
CA SER D 83 9.65 -26.94 -1.84
C SER D 83 9.41 -25.46 -2.12
N THR D 84 9.65 -25.01 -3.35
CA THR D 84 9.36 -23.65 -3.78
C THR D 84 8.68 -23.70 -5.13
N TYR D 85 8.07 -22.58 -5.51
CA TYR D 85 7.44 -22.51 -6.83
C TYR D 85 8.48 -22.59 -7.96
N GLU D 86 9.69 -22.10 -7.74
CA GLU D 86 10.73 -22.26 -8.79
C GLU D 86 11.07 -23.74 -8.98
N GLU D 87 11.22 -24.50 -7.89
CA GLU D 87 11.52 -25.95 -7.97
C GLU D 87 10.36 -26.68 -8.64
N VAL D 88 9.13 -26.29 -8.33
CA VAL D 88 7.93 -26.90 -8.98
C VAL D 88 8.02 -26.61 -10.48
N TYR D 89 8.33 -25.37 -10.85
CA TYR D 89 8.43 -25.02 -12.26
C TYR D 89 9.54 -25.80 -12.95
N ASN D 90 10.70 -25.91 -12.29
CA ASN D 90 11.81 -26.67 -12.85
C ASN D 90 11.45 -28.15 -13.01
N ASN D 91 10.79 -28.73 -12.00
CA ASN D 91 10.35 -30.12 -12.11
C ASN D 91 9.35 -30.28 -13.25
N PHE D 92 8.45 -29.32 -13.40
CA PHE D 92 7.48 -29.38 -14.49
C PHE D 92 8.19 -29.37 -15.85
N VAL D 93 9.14 -28.46 -16.04
CA VAL D 93 9.75 -28.39 -17.37
C VAL D 93 10.66 -29.60 -17.60
N ASP D 94 11.28 -30.11 -16.53
CA ASP D 94 12.16 -31.30 -16.67
C ASP D 94 11.34 -32.53 -17.07
N LYS D 95 10.05 -32.55 -16.74
CA LYS D 95 9.22 -33.76 -16.99
C LYS D 95 8.39 -33.59 -18.28
N TYR D 96 7.92 -32.38 -18.56
CA TYR D 96 7.06 -32.18 -19.71
C TYR D 96 7.60 -31.22 -20.77
N GLY D 97 8.74 -30.57 -20.51
CA GLY D 97 9.34 -29.64 -21.46
C GLY D 97 8.87 -28.20 -21.28
N TYR D 98 9.44 -27.32 -22.11
CA TYR D 98 9.23 -25.89 -21.99
C TYR D 98 8.14 -25.37 -22.93
N ASP D 99 7.48 -26.23 -23.69
CA ASP D 99 6.48 -25.80 -24.67
C ASP D 99 5.05 -26.12 -24.25
N VAL D 100 4.81 -26.58 -23.01
CA VAL D 100 3.45 -26.92 -22.57
C VAL D 100 2.74 -25.70 -21.99
N LEU D 101 3.45 -24.93 -21.17
CA LEU D 101 2.86 -23.69 -20.60
C LEU D 101 2.68 -22.65 -21.72
N ASP D 102 1.99 -21.55 -21.43
CA ASP D 102 1.71 -20.51 -22.47
C ASP D 102 3.01 -19.99 -23.07
N GLU D 103 2.97 -19.63 -24.35
CA GLU D 103 4.21 -19.19 -25.05
C GLU D 103 4.77 -17.92 -24.42
N ASP D 104 6.09 -17.90 -24.16
CA ASP D 104 6.77 -16.71 -23.59
C ASP D 104 6.19 -16.32 -22.23
N ILE D 105 5.66 -17.27 -21.46
CA ILE D 105 5.01 -16.90 -20.18
C ILE D 105 6.08 -16.32 -19.25
N TYR D 106 7.29 -16.88 -19.29
CA TYR D 106 8.36 -16.34 -18.46
C TYR D 106 8.64 -14.90 -18.87
N GLU D 107 8.74 -14.68 -20.19
CA GLU D 107 9.03 -13.35 -20.72
C GLU D 107 7.93 -12.35 -20.37
N ILE D 108 6.67 -12.77 -20.54
CA ILE D 108 5.55 -11.91 -20.23
C ILE D 108 5.52 -11.56 -18.74
N GLN D 109 5.81 -12.53 -17.89
CA GLN D 109 5.78 -12.29 -16.44
C GLN D 109 6.82 -11.27 -16.00
N LEU D 110 8.04 -11.36 -16.53
CA LEU D 110 9.03 -10.32 -16.18
C LEU D 110 8.58 -8.96 -16.70
N LEU D 111 7.98 -8.91 -17.89
CA LEU D 111 7.48 -7.62 -18.40
C LEU D 111 6.44 -7.05 -17.45
N LYS D 112 5.47 -7.89 -17.05
CA LYS D 112 4.42 -7.43 -16.10
C LYS D 112 5.10 -6.97 -14.80
N LYS D 113 6.10 -7.72 -14.35
CA LYS D 113 6.79 -7.38 -13.07
C LYS D 113 7.49 -6.02 -13.20
N ASN D 114 8.05 -5.73 -14.36
CA ASN D 114 8.85 -4.48 -14.54
C ASN D 114 7.99 -3.28 -14.94
N GLY D 115 6.68 -3.47 -15.07
CA GLY D 115 5.77 -2.33 -15.36
C GLY D 115 5.75 -1.98 -16.83
N GLU D 116 6.23 -2.89 -17.68
CA GLU D 116 6.22 -2.65 -19.15
C GLU D 116 4.79 -2.77 -19.67
N ASN D 117 4.50 -2.15 -20.81
CA ASN D 117 3.16 -2.24 -21.43
C ASN D 117 3.18 -3.37 -22.46
N LEU D 118 2.21 -4.28 -22.38
CA LEU D 118 2.16 -5.45 -23.30
C LEU D 118 1.94 -4.99 -24.74
N ASP D 119 1.22 -3.89 -24.95
CA ASP D 119 0.90 -3.39 -26.31
C ASP D 119 2.20 -3.07 -27.06
N ASP D 120 3.19 -2.52 -26.36
CA ASP D 120 4.50 -2.21 -26.98
C ASP D 120 5.16 -3.50 -27.46
N TYR D 121 5.00 -4.59 -26.71
CA TYR D 121 5.70 -5.87 -27.06
C TYR D 121 4.84 -6.75 -27.96
N ASP D 122 3.67 -6.26 -28.37
CA ASP D 122 2.78 -7.02 -29.30
C ASP D 122 2.55 -8.43 -28.76
N VAL D 123 2.15 -8.54 -27.49
CA VAL D 123 1.88 -9.87 -26.88
C VAL D 123 0.70 -10.52 -27.61
N ASP D 124 0.80 -11.82 -27.89
CA ASP D 124 -0.26 -12.52 -28.66
C ASP D 124 -0.40 -13.94 -28.09
N SER D 125 -1.41 -14.69 -28.53
CA SER D 125 -1.54 -16.10 -28.08
C SER D 125 -0.25 -16.81 -28.50
N ASP D 126 0.26 -16.51 -29.70
CA ASP D 126 1.54 -17.09 -30.17
C ASP D 126 2.67 -16.61 -29.26
N GLY D 127 2.60 -15.37 -28.75
CA GLY D 127 3.61 -14.87 -27.80
C GLY D 127 4.04 -13.46 -28.13
N ILE D 128 5.16 -13.00 -27.56
CA ILE D 128 5.69 -11.67 -27.93
C ILE D 128 6.05 -11.70 -29.42
N ASN D 129 5.62 -10.71 -30.19
CA ASN D 129 5.92 -10.65 -31.64
C ASN D 129 7.03 -9.62 -31.90
N ASN D 130 7.09 -8.58 -31.08
CA ASN D 130 8.13 -7.52 -31.23
C ASN D 130 9.41 -8.00 -30.55
N TYR D 131 10.21 -8.81 -31.24
CA TYR D 131 11.42 -9.39 -30.59
C TYR D 131 12.46 -8.30 -30.38
N ASP D 132 12.45 -7.28 -31.25
CA ASP D 132 13.46 -6.19 -31.17
C ASP D 132 13.33 -5.50 -29.82
N LYS D 133 12.12 -5.10 -29.44
CA LYS D 133 11.90 -4.43 -28.14
C LYS D 133 12.29 -5.39 -27.00
N LEU D 134 11.96 -6.67 -27.14
CA LEU D 134 12.26 -7.65 -26.05
C LEU D 134 13.76 -7.74 -25.84
N ASP D 135 14.54 -7.77 -26.94
CA ASP D 135 16.02 -7.88 -26.83
C ASP D 135 16.55 -6.63 -26.12
N GLU D 136 16.01 -5.46 -26.47
CA GLU D 136 16.43 -4.20 -25.81
C GLU D 136 16.10 -4.29 -24.31
N PHE D 137 14.90 -4.76 -23.97
CA PHE D 137 14.51 -4.91 -22.54
C PHE D 137 15.54 -5.77 -21.81
N ARG D 138 15.92 -6.90 -22.41
CA ARG D 138 16.88 -7.83 -21.77
C ARG D 138 18.18 -7.07 -21.54
N GLU D 139 18.58 -6.23 -22.50
CA GLU D 139 19.83 -5.44 -22.37
C GLU D 139 19.64 -4.32 -21.35
N SER D 140 18.40 -4.06 -20.91
CA SER D 140 18.17 -3.03 -19.88
C SER D 140 18.38 -3.65 -18.51
N ASP D 141 18.31 -2.83 -17.44
CA ASP D 141 18.44 -3.38 -16.07
C ASP D 141 17.01 -3.61 -15.55
N TYR D 142 16.66 -4.86 -15.21
CA TYR D 142 15.26 -5.15 -14.79
C TYR D 142 15.24 -5.97 -13.51
N VAL D 143 14.08 -6.00 -12.84
CA VAL D 143 13.92 -6.82 -11.59
C VAL D 143 13.66 -8.27 -12.02
N ASP D 144 14.46 -9.22 -11.51
CA ASP D 144 14.29 -10.66 -11.84
C ASP D 144 13.05 -11.23 -11.17
N LEU D 145 12.46 -12.27 -11.77
CA LEU D 145 11.24 -12.92 -11.21
C LEU D 145 11.50 -13.43 -9.79
N GLU D 146 10.51 -13.28 -8.91
CA GLU D 146 10.62 -13.84 -7.53
C GLU D 146 9.90 -15.19 -7.52
N ASP D 147 9.89 -15.88 -6.38
CA ASP D 147 9.30 -17.25 -6.32
C ASP D 147 7.81 -17.23 -6.68
N TYR D 148 7.07 -16.22 -6.21
CA TYR D 148 5.60 -16.16 -6.48
C TYR D 148 5.34 -16.06 -7.98
N ASP D 149 6.25 -15.44 -8.74
CA ASP D 149 6.08 -15.30 -10.17
C ASP D 149 6.04 -16.66 -10.87
N TYR D 150 6.72 -17.66 -10.31
CA TYR D 150 6.68 -19.00 -10.91
C TYR D 150 5.31 -19.65 -10.75
N ARG D 151 4.65 -19.42 -9.61
CA ARG D 151 3.27 -19.87 -9.49
C ARG D 151 2.39 -19.17 -10.53
N GLU D 152 2.63 -17.88 -10.73
CA GLU D 152 1.83 -17.15 -11.72
C GLU D 152 2.07 -17.65 -13.14
N LEU D 153 3.28 -18.15 -13.43
CA LEU D 153 3.55 -18.75 -14.73
C LEU D 153 2.54 -19.85 -15.06
N PHE D 154 2.14 -20.63 -14.06
CA PHE D 154 1.14 -21.69 -14.28
C PHE D 154 -0.26 -21.06 -14.39
N GLU D 155 -0.63 -20.20 -13.44
CA GLU D 155 -2.00 -19.62 -13.38
C GLU D 155 -2.30 -18.76 -14.62
N ASN D 156 -1.32 -18.00 -15.11
CA ASN D 156 -1.52 -17.12 -16.28
C ASN D 156 -1.66 -17.96 -17.55
N SER D 157 -1.35 -19.26 -17.47
CA SER D 157 -1.38 -20.14 -18.66
C SER D 157 -2.78 -20.72 -18.91
N SER D 158 -3.24 -20.73 -20.16
CA SER D 158 -4.51 -21.34 -20.53
C SER D 158 -4.49 -22.07 -21.87
N SER D 159 -3.41 -21.98 -22.66
CA SER D 159 -3.46 -22.52 -24.01
C SER D 159 -3.55 -24.05 -24.02
N GLN D 160 -2.67 -24.71 -23.28
CA GLN D 160 -2.65 -26.17 -23.20
C GLN D 160 -3.07 -26.69 -21.84
N VAL D 161 -2.55 -26.12 -20.76
CA VAL D 161 -2.95 -26.44 -19.40
C VAL D 161 -3.97 -25.41 -18.95
N TYR D 162 -5.18 -25.88 -18.63
CA TYR D 162 -6.24 -24.94 -18.29
C TYR D 162 -6.67 -24.99 -16.83
N TYR D 163 -6.43 -26.10 -16.13
CA TYR D 163 -6.76 -26.22 -14.72
C TYR D 163 -5.47 -26.31 -13.92
N HIS D 164 -5.36 -25.50 -12.88
CA HIS D 164 -4.14 -25.42 -12.07
C HIS D 164 -4.50 -25.52 -10.60
N GLU D 165 -3.93 -26.51 -9.91
CA GLU D 165 -4.16 -26.73 -8.49
C GLU D 165 -2.84 -26.88 -7.75
N PHE D 166 -2.65 -26.11 -6.68
CA PHE D 166 -1.45 -26.21 -5.86
C PHE D 166 -1.87 -26.68 -4.47
N GLU D 167 -1.37 -27.83 -4.07
CA GLU D 167 -1.62 -28.41 -2.77
C GLU D 167 -0.38 -28.21 -1.92
N ILE D 168 -0.52 -27.53 -0.78
CA ILE D 168 0.61 -27.19 0.07
C ILE D 168 0.50 -28.00 1.36
N THR D 169 1.60 -28.59 1.77
CA THR D 169 1.66 -29.27 3.05
C THR D 169 2.85 -28.78 3.87
N HIS D 170 2.66 -28.73 5.19
CA HIS D 170 3.72 -28.32 6.11
C HIS D 170 4.08 -29.47 7.05
N GLU D 171 3.87 -30.71 6.62
CA GLU D 171 4.17 -31.88 7.45
C GLU D 171 5.69 -32.04 7.57
#